data_6GY8
#
_entry.id   6GY8
#
_cell.length_a   67.270
_cell.length_b   90.830
_cell.length_c   153.040
_cell.angle_alpha   90.00
_cell.angle_beta   90.00
_cell.angle_gamma   90.00
#
_symmetry.space_group_name_H-M   'P 21 21 21'
#
loop_
_entity.id
_entity.type
_entity.pdbx_description
1 polymer XaxA
2 water water
#
_entity_poly.entity_id   1
_entity_poly.type   'polypeptide(L)'
_entity_poly.pdbx_seq_one_letter_code
;MENDMSSNQTLAEKKIPVSEVPSATLKMLTSQAEGVARPGGIFTKGDLINIKLYVKHSLELPFTLEGVKEYIGYNDIDID
GLKPAKMATLFKEIHDHALSWSGVESKVQQQSIDLENAGKQITLTGDEIISVIDQMPIIERVKNKLGDLTDKQLAEITYT
NDDKEIAVELGNILESMKKDIKRQQENTQKVKTAVSDFKLKLIGGELSDGTIAQGLQPQISSKKKLMDDNNLSTTIKDLQ
SKIDEKNKEIDQFQKDYNKYVGLAFSGMVGGIISWAITGGIFGDKAEKARKQKNKLIDEVKDLQSQVKDKSALQTSVQNL
SLSFAGIHTSMVDAEEALNHLDFMWNTMLTQITTSRDKFDDINDALKLTSFVIAFKQVIEPWRDVQGSAAQLIQTFDEAL
AEYKKLYH
;
_entity_poly.pdbx_strand_id   A,B
#
# COMPACT_ATOMS: atom_id res chain seq x y z
N GLY A 41 7.77 0.01 6.03
CA GLY A 41 9.08 -0.53 6.33
C GLY A 41 10.21 0.27 5.71
N ILE A 42 11.45 -0.09 6.05
CA ILE A 42 12.61 0.61 5.52
C ILE A 42 12.82 0.29 4.03
N PHE A 43 12.29 -0.84 3.57
CA PHE A 43 12.32 -1.19 2.15
C PHE A 43 11.08 -0.60 1.49
N THR A 44 11.30 0.43 0.68
CA THR A 44 10.21 1.21 0.08
C THR A 44 9.89 0.70 -1.33
N LYS A 45 8.81 1.24 -1.89
CA LYS A 45 8.44 0.89 -3.26
C LYS A 45 9.48 1.39 -4.25
N GLY A 46 10.10 2.55 -3.96
CA GLY A 46 11.14 3.06 -4.83
C GLY A 46 12.34 2.14 -4.89
N ASP A 47 12.62 1.41 -3.79
CA ASP A 47 13.71 0.46 -3.79
C ASP A 47 13.46 -0.67 -4.77
N LEU A 48 12.29 -1.31 -4.68
CA LEU A 48 11.95 -2.35 -5.63
C LEU A 48 11.90 -1.82 -7.05
N ILE A 49 11.47 -0.56 -7.23
CA ILE A 49 11.46 0.04 -8.55
C ILE A 49 12.87 0.16 -9.11
N ASN A 50 13.82 0.60 -8.27
CA ASN A 50 15.21 0.69 -8.71
C ASN A 50 15.77 -0.68 -9.07
N ILE A 51 15.45 -1.70 -8.27
CA ILE A 51 15.93 -3.05 -8.58
C ILE A 51 15.37 -3.52 -9.92
N LYS A 52 14.06 -3.34 -10.13
CA LYS A 52 13.45 -3.78 -11.37
C LYS A 52 13.94 -2.99 -12.57
N LEU A 53 14.23 -1.70 -12.38
CA LEU A 53 14.81 -0.91 -13.48
C LEU A 53 16.20 -1.40 -13.83
N TYR A 54 17.01 -1.72 -12.81
CA TYR A 54 18.31 -2.31 -13.08
C TYR A 54 18.18 -3.62 -13.85
N VAL A 55 17.23 -4.46 -13.44
CA VAL A 55 17.02 -5.75 -14.12
C VAL A 55 16.60 -5.53 -15.57
N LYS A 56 15.68 -4.59 -15.81
CA LYS A 56 15.22 -4.33 -17.17
C LYS A 56 16.35 -3.80 -18.05
N HIS A 57 17.10 -2.81 -17.53
CA HIS A 57 18.21 -2.25 -18.30
C HIS A 57 19.30 -3.28 -18.54
N SER A 58 19.47 -4.23 -17.62
CA SER A 58 20.46 -5.28 -17.84
C SER A 58 19.98 -6.30 -18.85
N LEU A 59 18.67 -6.52 -18.93
CA LEU A 59 18.13 -7.41 -19.96
C LEU A 59 18.15 -6.77 -21.33
N GLU A 60 18.11 -5.43 -21.40
CA GLU A 60 18.24 -4.75 -22.67
C GLU A 60 19.64 -4.87 -23.26
N LEU A 61 20.64 -5.24 -22.44
CA LEU A 61 22.01 -5.42 -22.90
C LEU A 61 22.16 -6.75 -23.65
N PRO A 62 23.07 -6.81 -24.62
CA PRO A 62 23.30 -8.07 -25.33
C PRO A 62 24.23 -9.00 -24.57
N PHE A 63 24.14 -10.28 -24.91
CA PHE A 63 24.89 -11.32 -24.21
C PHE A 63 25.57 -12.30 -25.15
N THR A 64 25.44 -12.13 -26.46
CA THR A 64 26.14 -12.95 -27.44
C THR A 64 27.36 -12.22 -27.95
N LEU A 65 28.33 -12.99 -28.44
CA LEU A 65 29.59 -12.40 -28.90
C LEU A 65 29.36 -11.41 -30.03
N GLU A 66 28.51 -11.77 -31.00
CA GLU A 66 28.23 -10.85 -32.09
C GLU A 66 27.45 -9.63 -31.60
N GLY A 67 26.47 -9.84 -30.72
CA GLY A 67 25.74 -8.72 -30.16
C GLY A 67 26.64 -7.81 -29.33
N VAL A 68 27.56 -8.41 -28.56
CA VAL A 68 28.50 -7.61 -27.79
C VAL A 68 29.41 -6.80 -28.72
N LYS A 69 29.93 -7.43 -29.78
CA LYS A 69 30.78 -6.71 -30.72
C LYS A 69 30.02 -5.57 -31.38
N GLU A 70 28.72 -5.76 -31.65
CA GLU A 70 27.94 -4.69 -32.24
C GLU A 70 27.68 -3.57 -31.24
N TYR A 71 27.47 -3.93 -29.97
CA TYR A 71 27.19 -2.94 -28.94
C TYR A 71 28.41 -2.09 -28.62
N ILE A 72 29.58 -2.74 -28.43
CA ILE A 72 30.78 -2.01 -28.06
C ILE A 72 31.28 -1.16 -29.21
N GLY A 73 31.01 -1.56 -30.45
CA GLY A 73 31.38 -0.77 -31.60
C GLY A 73 32.68 -1.16 -32.28
N TYR A 74 33.22 -2.33 -31.99
CA TYR A 74 34.46 -2.77 -32.62
C TYR A 74 34.55 -4.28 -32.52
N ASN A 75 35.31 -4.87 -33.46
CA ASN A 75 35.56 -6.30 -33.47
C ASN A 75 36.87 -6.68 -32.79
N ASP A 76 37.77 -5.72 -32.61
CA ASP A 76 39.04 -5.98 -31.96
C ASP A 76 39.61 -4.65 -31.48
N ILE A 77 40.47 -4.73 -30.46
CA ILE A 77 41.15 -3.57 -29.91
C ILE A 77 42.48 -4.04 -29.35
N ASP A 78 43.47 -3.14 -29.35
CA ASP A 78 44.79 -3.47 -28.83
C ASP A 78 44.82 -3.61 -27.31
N ILE A 79 43.75 -3.21 -26.62
CA ILE A 79 43.67 -3.28 -25.16
C ILE A 79 43.12 -4.65 -24.79
N ASP A 80 43.89 -5.41 -24.00
CA ASP A 80 43.44 -6.75 -23.64
C ASP A 80 42.25 -6.73 -22.69
N GLY A 81 42.14 -5.72 -21.83
CA GLY A 81 41.00 -5.65 -20.94
C GLY A 81 39.70 -5.40 -21.66
N LEU A 82 39.75 -4.73 -22.82
CA LEU A 82 38.58 -4.42 -23.61
C LEU A 82 38.34 -5.39 -24.76
N LYS A 83 39.01 -6.56 -24.74
CA LYS A 83 38.79 -7.54 -25.79
C LYS A 83 37.32 -7.98 -25.80
N PRO A 84 36.78 -8.29 -26.99
CA PRO A 84 35.36 -8.66 -27.07
C PRO A 84 34.98 -9.90 -26.28
N ALA A 85 35.92 -10.83 -26.07
CA ALA A 85 35.60 -12.04 -25.32
C ALA A 85 35.33 -11.70 -23.85
N LYS A 86 36.19 -10.89 -23.24
CA LYS A 86 36.00 -10.51 -21.84
C LYS A 86 34.74 -9.67 -21.68
N MET A 87 34.48 -8.76 -22.61
CA MET A 87 33.27 -7.95 -22.55
C MET A 87 32.02 -8.83 -22.66
N ALA A 88 32.06 -9.82 -23.56
CA ALA A 88 30.94 -10.74 -23.69
C ALA A 88 30.73 -11.56 -22.43
N THR A 89 31.82 -12.00 -21.80
CA THR A 89 31.70 -12.74 -20.54
C THR A 89 31.05 -11.87 -19.47
N LEU A 90 31.49 -10.61 -19.36
CA LEU A 90 30.91 -9.71 -18.36
C LEU A 90 29.42 -9.48 -18.63
N PHE A 91 29.06 -9.25 -19.90
CA PHE A 91 27.66 -9.03 -20.24
C PHE A 91 26.81 -10.27 -19.97
N LYS A 92 27.35 -11.45 -20.26
CA LYS A 92 26.62 -12.69 -19.98
C LYS A 92 26.40 -12.87 -18.48
N GLU A 93 27.41 -12.53 -17.66
CA GLU A 93 27.24 -12.60 -16.22
C GLU A 93 26.14 -11.66 -15.75
N ILE A 94 26.12 -10.43 -16.27
CA ILE A 94 25.07 -9.47 -15.90
C ILE A 94 23.71 -10.02 -16.30
N HIS A 95 23.63 -10.63 -17.49
CA HIS A 95 22.38 -11.18 -17.99
C HIS A 95 21.86 -12.29 -17.09
N ASP A 96 22.75 -13.19 -16.67
CA ASP A 96 22.33 -14.28 -15.79
C ASP A 96 21.87 -13.74 -14.43
N HIS A 97 22.55 -12.71 -13.92
CA HIS A 97 22.13 -12.08 -12.66
C HIS A 97 20.72 -11.51 -12.80
N ALA A 98 20.46 -10.82 -13.91
CA ALA A 98 19.14 -10.26 -14.15
C ALA A 98 18.08 -11.35 -14.24
N LEU A 99 18.43 -12.50 -14.84
CA LEU A 99 17.48 -13.61 -14.88
C LEU A 99 17.19 -14.13 -13.47
N SER A 100 18.21 -14.18 -12.62
CA SER A 100 18.02 -14.71 -11.27
C SER A 100 17.13 -13.82 -10.42
N TRP A 101 17.06 -12.52 -10.75
CA TRP A 101 16.25 -11.63 -9.90
C TRP A 101 14.80 -12.06 -9.82
N SER A 102 14.24 -12.61 -10.91
CA SER A 102 12.83 -12.98 -10.90
C SER A 102 12.56 -14.07 -9.86
N GLY A 103 13.40 -15.10 -9.84
CA GLY A 103 13.25 -16.13 -8.83
C GLY A 103 13.44 -15.59 -7.42
N VAL A 104 14.37 -14.65 -7.26
CA VAL A 104 14.58 -14.07 -5.92
C VAL A 104 13.32 -13.33 -5.48
N GLU A 105 12.73 -12.52 -6.37
CA GLU A 105 11.53 -11.78 -6.03
C GLU A 105 10.38 -12.70 -5.68
N SER A 106 10.20 -13.77 -6.47
CA SER A 106 9.14 -14.73 -6.17
C SER A 106 9.34 -15.38 -4.80
N LYS A 107 10.57 -15.78 -4.48
CA LYS A 107 10.83 -16.38 -3.18
C LYS A 107 10.51 -15.41 -2.06
N VAL A 108 10.90 -14.14 -2.23
CA VAL A 108 10.64 -13.13 -1.20
C VAL A 108 9.14 -12.99 -0.97
N GLN A 109 8.38 -12.88 -2.07
CA GLN A 109 6.93 -12.69 -1.96
C GLN A 109 6.25 -13.89 -1.32
N GLN A 110 6.62 -15.10 -1.76
CA GLN A 110 6.00 -16.31 -1.23
C GLN A 110 6.31 -16.49 0.26
N GLN A 111 7.57 -16.28 0.65
CA GLN A 111 7.91 -16.44 2.05
C GLN A 111 7.33 -15.34 2.91
N SER A 112 7.13 -14.14 2.36
CA SER A 112 6.46 -13.10 3.12
C SER A 112 5.00 -13.46 3.39
N ILE A 113 4.32 -14.00 2.38
CA ILE A 113 2.94 -14.49 2.60
C ILE A 113 2.93 -15.57 3.67
N ASP A 114 3.86 -16.53 3.56
CA ASP A 114 3.91 -17.63 4.52
C ASP A 114 4.19 -17.13 5.93
N LEU A 115 5.07 -16.14 6.07
CA LEU A 115 5.38 -15.60 7.39
C LEU A 115 4.19 -14.85 7.97
N GLU A 116 3.45 -14.11 7.14
CA GLU A 116 2.26 -13.44 7.65
C GLU A 116 1.24 -14.46 8.16
N ASN A 117 0.99 -15.52 7.39
CA ASN A 117 0.03 -16.52 7.83
C ASN A 117 0.49 -17.23 9.11
N ALA A 118 1.76 -17.66 9.13
CA ALA A 118 2.28 -18.35 10.30
C ALA A 118 2.28 -17.45 11.52
N GLY A 119 2.58 -16.16 11.34
CA GLY A 119 2.57 -15.24 12.46
C GLY A 119 1.17 -15.00 12.99
N LYS A 120 0.19 -14.85 12.09
CA LYS A 120 -1.20 -14.71 12.54
C LYS A 120 -1.62 -15.94 13.33
N GLN A 121 -1.33 -17.14 12.81
CA GLN A 121 -1.69 -18.36 13.50
C GLN A 121 -1.06 -18.42 14.90
N ILE A 122 0.25 -18.20 14.98
CA ILE A 122 0.95 -18.30 16.25
C ILE A 122 0.44 -17.26 17.23
N THR A 123 0.29 -16.01 16.78
CA THR A 123 -0.16 -14.94 17.66
C THR A 123 -1.56 -15.21 18.21
N LEU A 124 -2.51 -15.55 17.34
CA LEU A 124 -3.88 -15.77 17.78
C LEU A 124 -3.97 -16.95 18.74
N THR A 125 -3.31 -18.07 18.39
CA THR A 125 -3.37 -19.24 19.26
C THR A 125 -2.71 -18.97 20.60
N GLY A 126 -1.55 -18.31 20.58
CA GLY A 126 -0.86 -18.01 21.83
C GLY A 126 -1.65 -17.06 22.71
N ASP A 127 -2.26 -16.04 22.11
CA ASP A 127 -3.08 -15.11 22.89
C ASP A 127 -4.29 -15.83 23.50
N GLU A 128 -4.93 -16.72 22.74
CA GLU A 128 -6.04 -17.47 23.29
C GLU A 128 -5.60 -18.33 24.47
N ILE A 129 -4.47 -19.05 24.31
CA ILE A 129 -3.96 -19.90 25.38
C ILE A 129 -3.66 -19.07 26.62
N ILE A 130 -3.00 -17.92 26.43
CA ILE A 130 -2.60 -17.10 27.56
C ILE A 130 -3.83 -16.54 28.27
N SER A 131 -4.83 -16.09 27.51
CA SER A 131 -6.05 -15.56 28.15
C SER A 131 -6.78 -16.64 28.92
N VAL A 132 -6.88 -17.85 28.36
CA VAL A 132 -7.57 -18.93 29.06
C VAL A 132 -6.82 -19.30 30.35
N ILE A 133 -5.49 -19.34 30.29
CA ILE A 133 -4.72 -19.65 31.49
C ILE A 133 -4.80 -18.50 32.49
N ASP A 134 -4.98 -17.28 32.01
CA ASP A 134 -5.12 -16.14 32.91
C ASP A 134 -6.49 -16.05 33.56
N GLN A 135 -7.50 -16.72 32.98
CA GLN A 135 -8.83 -16.61 33.56
C GLN A 135 -9.01 -17.50 34.78
N MET A 136 -8.24 -18.58 34.90
CA MET A 136 -8.36 -19.45 36.06
C MET A 136 -7.73 -18.79 37.28
N PRO A 137 -8.19 -19.15 38.49
CA PRO A 137 -7.73 -18.45 39.69
C PRO A 137 -6.23 -18.58 39.92
N ILE A 138 -5.72 -17.68 40.77
CA ILE A 138 -4.28 -17.61 41.00
C ILE A 138 -3.77 -18.84 41.75
N ILE A 139 -4.63 -19.46 42.57
CA ILE A 139 -4.18 -20.61 43.35
C ILE A 139 -3.85 -21.78 42.44
N GLU A 140 -4.72 -22.05 41.46
CA GLU A 140 -4.39 -23.08 40.47
C GLU A 140 -3.26 -22.62 39.57
N ARG A 141 -3.14 -21.31 39.32
CA ARG A 141 -2.06 -20.79 38.51
C ARG A 141 -0.70 -21.03 39.16
N VAL A 142 -0.67 -21.09 40.49
CA VAL A 142 0.58 -21.27 41.23
C VAL A 142 0.84 -22.74 41.52
N LYS A 143 -0.20 -23.49 41.89
CA LYS A 143 0.02 -24.87 42.31
C LYS A 143 0.15 -25.82 41.12
N ASN A 144 -0.65 -25.61 40.07
CA ASN A 144 -0.61 -26.48 38.92
C ASN A 144 0.59 -26.17 38.04
N LYS A 145 1.06 -27.18 37.33
CA LYS A 145 2.18 -27.07 36.40
C LYS A 145 1.68 -27.23 34.96
N LEU A 146 2.56 -26.95 34.01
CA LEU A 146 2.19 -27.07 32.60
C LEU A 146 1.80 -28.48 32.25
N GLY A 147 2.52 -29.48 32.78
CA GLY A 147 2.23 -30.88 32.50
C GLY A 147 0.82 -31.30 32.85
N ASP A 148 0.17 -30.58 33.77
CA ASP A 148 -1.19 -30.90 34.16
C ASP A 148 -2.22 -30.52 33.09
N LEU A 149 -1.80 -29.86 32.01
CA LEU A 149 -2.70 -29.44 30.95
C LEU A 149 -2.33 -29.98 29.58
N THR A 150 -1.16 -30.60 29.43
CA THR A 150 -0.69 -31.00 28.10
C THR A 150 -1.52 -32.13 27.52
N ASP A 151 -2.10 -32.99 28.36
CA ASP A 151 -2.80 -34.18 27.88
C ASP A 151 -4.24 -33.91 27.48
N LYS A 152 -4.73 -32.67 27.59
CA LYS A 152 -6.11 -32.35 27.29
C LYS A 152 -6.18 -31.03 26.53
N GLN A 153 -7.28 -30.83 25.81
CA GLN A 153 -7.47 -29.61 25.06
C GLN A 153 -7.79 -28.45 26.00
N LEU A 154 -7.23 -27.28 25.69
CA LEU A 154 -7.46 -26.07 26.47
C LEU A 154 -8.66 -25.32 25.91
N ALA A 155 -9.84 -25.60 26.44
CA ALA A 155 -11.08 -24.91 26.08
C ALA A 155 -11.26 -24.72 24.58
N GLU A 156 -11.41 -25.82 23.85
CA GLU A 156 -11.69 -25.82 22.40
C GLU A 156 -10.75 -24.89 21.61
N ILE A 157 -9.49 -24.83 22.02
CA ILE A 157 -8.47 -24.08 21.28
C ILE A 157 -7.74 -25.08 20.38
N THR A 158 -7.57 -24.71 19.11
CA THR A 158 -6.96 -25.60 18.13
C THR A 158 -5.86 -24.87 17.38
N TYR A 159 -4.88 -25.64 16.89
CA TYR A 159 -3.74 -25.12 16.14
C TYR A 159 -3.49 -25.99 14.92
N THR A 160 -3.29 -25.35 13.77
CA THR A 160 -3.00 -26.04 12.51
C THR A 160 -1.58 -25.70 12.06
N ASN A 161 -0.78 -26.74 11.78
CA ASN A 161 0.62 -26.54 11.47
C ASN A 161 0.82 -26.26 9.98
N ASP A 162 2.09 -26.20 9.57
CA ASP A 162 2.43 -25.91 8.18
C ASP A 162 2.04 -27.05 7.23
N ASP A 163 1.95 -28.28 7.73
CA ASP A 163 1.53 -29.42 6.93
C ASP A 163 0.01 -29.61 6.91
N LYS A 164 -0.76 -28.56 7.22
CA LYS A 164 -2.22 -28.60 7.26
C LYS A 164 -2.76 -29.60 8.28
N GLU A 165 -1.94 -30.05 9.23
CA GLU A 165 -2.39 -30.97 10.26
C GLU A 165 -2.87 -30.18 11.47
N ILE A 166 -3.93 -30.67 12.11
CA ILE A 166 -4.58 -29.99 13.22
C ILE A 166 -4.21 -30.67 14.53
N ALA A 167 -4.00 -29.86 15.57
CA ALA A 167 -3.70 -30.32 16.92
C ALA A 167 -4.70 -29.73 17.91
N VAL A 168 -5.20 -30.55 18.83
CA VAL A 168 -6.19 -30.12 19.80
C VAL A 168 -5.63 -30.12 21.22
N GLU A 169 -4.82 -31.10 21.57
CA GLU A 169 -4.24 -31.14 22.90
C GLU A 169 -3.14 -30.09 23.04
N LEU A 170 -3.03 -29.53 24.25
CA LEU A 170 -2.12 -28.40 24.46
C LEU A 170 -0.68 -28.79 24.19
N GLY A 171 -0.24 -29.96 24.67
CA GLY A 171 1.13 -30.37 24.43
C GLY A 171 1.42 -30.60 22.95
N ASN A 172 0.48 -31.25 22.24
CA ASN A 172 0.65 -31.42 20.80
C ASN A 172 0.66 -30.08 20.10
N ILE A 173 -0.15 -29.12 20.56
CA ILE A 173 -0.16 -27.79 19.99
C ILE A 173 1.20 -27.12 20.17
N LEU A 174 1.79 -27.23 21.36
CA LEU A 174 3.08 -26.61 21.61
C LEU A 174 4.18 -27.25 20.78
N GLU A 175 4.19 -28.58 20.66
CA GLU A 175 5.21 -29.25 19.86
C GLU A 175 5.05 -28.91 18.37
N SER A 176 3.81 -28.89 17.88
CA SER A 176 3.57 -28.52 16.49
C SER A 176 3.97 -27.08 16.21
N MET A 177 3.72 -26.18 17.17
CA MET A 177 4.13 -24.80 17.03
C MET A 177 5.65 -24.67 17.01
N LYS A 178 6.32 -25.43 17.87
CA LYS A 178 7.78 -25.46 17.88
C LYS A 178 8.34 -25.89 16.53
N LYS A 179 7.78 -26.97 15.97
CA LYS A 179 8.25 -27.45 14.67
C LYS A 179 7.97 -26.42 13.58
N ASP A 180 6.80 -25.78 13.63
CA ASP A 180 6.49 -24.74 12.65
C ASP A 180 7.46 -23.58 12.74
N ILE A 181 7.82 -23.17 13.96
CA ILE A 181 8.76 -22.06 14.12
C ILE A 181 10.13 -22.42 13.58
N LYS A 182 10.57 -23.66 13.83
CA LYS A 182 11.84 -24.11 13.26
C LYS A 182 11.80 -24.12 11.74
N ARG A 183 10.73 -24.59 11.16
CA ARG A 183 10.66 -24.63 9.72
C ARG A 183 10.59 -23.26 9.13
N GLN A 184 9.87 -22.35 9.75
CA GLN A 184 9.84 -20.98 9.24
C GLN A 184 11.19 -20.29 9.40
N GLN A 185 11.95 -20.61 10.45
CA GLN A 185 13.32 -20.11 10.53
C GLN A 185 14.15 -20.61 9.35
N GLU A 186 14.04 -21.90 9.03
CA GLU A 186 14.78 -22.43 7.90
C GLU A 186 14.40 -21.75 6.58
N ASN A 187 13.10 -21.55 6.36
CA ASN A 187 12.64 -20.94 5.11
C ASN A 187 13.05 -19.48 5.02
N THR A 188 12.94 -18.74 6.12
CA THR A 188 13.41 -17.36 6.12
C THR A 188 14.91 -17.29 5.90
N GLN A 189 15.65 -18.26 6.44
CA GLN A 189 17.09 -18.30 6.20
C GLN A 189 17.39 -18.54 4.73
N LYS A 190 16.64 -19.42 4.09
CA LYS A 190 16.85 -19.68 2.65
C LYS A 190 16.58 -18.42 1.83
N VAL A 191 15.51 -17.70 2.17
CA VAL A 191 15.20 -16.48 1.42
C VAL A 191 16.27 -15.41 1.66
N LYS A 192 16.74 -15.29 2.90
CA LYS A 192 17.83 -14.35 3.19
C LYS A 192 19.09 -14.72 2.43
N THR A 193 19.38 -16.01 2.33
CA THR A 193 20.53 -16.46 1.56
C THR A 193 20.39 -16.10 0.09
N ALA A 194 19.18 -16.27 -0.46
CA ALA A 194 18.95 -15.91 -1.87
C ALA A 194 19.18 -14.42 -2.09
N VAL A 195 18.59 -13.59 -1.24
CA VAL A 195 18.73 -12.14 -1.38
C VAL A 195 20.19 -11.73 -1.21
N SER A 196 20.88 -12.33 -0.24
CA SER A 196 22.27 -11.99 0.01
C SER A 196 23.16 -12.40 -1.16
N ASP A 197 22.91 -13.58 -1.73
CA ASP A 197 23.71 -14.02 -2.87
C ASP A 197 23.48 -13.09 -4.06
N PHE A 198 22.25 -12.62 -4.26
CA PHE A 198 21.99 -11.66 -5.33
C PHE A 198 22.79 -10.37 -5.10
N LYS A 199 22.69 -9.81 -3.90
CA LYS A 199 23.38 -8.55 -3.60
C LYS A 199 24.89 -8.70 -3.68
N LEU A 200 25.42 -9.86 -3.25
CA LEU A 200 26.85 -10.07 -3.25
C LEU A 200 27.39 -10.30 -4.66
N LYS A 201 26.61 -10.98 -5.51
CA LYS A 201 26.98 -11.05 -6.92
C LYS A 201 27.01 -9.66 -7.54
N LEU A 202 26.13 -8.77 -7.07
CA LEU A 202 26.15 -7.40 -7.60
C LEU A 202 27.39 -6.63 -7.13
N ILE A 203 27.64 -6.60 -5.81
CA ILE A 203 28.67 -5.72 -5.27
C ILE A 203 29.97 -6.44 -4.95
N GLY A 204 29.96 -7.74 -4.76
CA GLY A 204 31.19 -8.45 -4.44
C GLY A 204 31.22 -8.91 -2.99
N GLY A 205 31.88 -10.03 -2.77
CA GLY A 205 31.99 -10.62 -1.46
C GLY A 205 31.99 -12.13 -1.57
N GLU A 206 31.88 -12.78 -0.42
CA GLU A 206 31.83 -14.24 -0.36
C GLU A 206 30.37 -14.70 -0.42
N LEU A 207 30.06 -15.54 -1.41
CA LEU A 207 28.71 -16.04 -1.57
C LEU A 207 28.40 -17.08 -0.49
N SER A 208 27.17 -17.59 -0.51
CA SER A 208 26.75 -18.53 0.52
C SER A 208 27.48 -19.86 0.41
N ASP A 209 27.86 -20.26 -0.79
CA ASP A 209 28.60 -21.51 -0.99
C ASP A 209 30.09 -21.36 -0.77
N GLY A 210 30.54 -20.26 -0.16
CA GLY A 210 31.95 -20.04 0.07
C GLY A 210 32.72 -19.47 -1.11
N THR A 211 32.08 -19.36 -2.27
CA THR A 211 32.75 -18.86 -3.46
C THR A 211 32.96 -17.35 -3.37
N ILE A 212 34.20 -16.92 -3.62
CA ILE A 212 34.51 -15.49 -3.67
C ILE A 212 34.09 -14.96 -5.04
N ALA A 213 33.10 -14.07 -5.04
CA ALA A 213 32.56 -13.52 -6.27
C ALA A 213 32.90 -12.04 -6.37
N GLN A 214 33.69 -11.67 -7.38
CA GLN A 214 33.93 -10.26 -7.65
C GLN A 214 32.65 -9.64 -8.21
N GLY A 215 32.26 -8.50 -7.63
CA GLY A 215 31.01 -7.88 -8.01
C GLY A 215 31.01 -7.44 -9.46
N LEU A 216 29.81 -7.45 -10.05
CA LEU A 216 29.67 -6.95 -11.42
C LEU A 216 29.88 -5.44 -11.47
N GLN A 217 29.54 -4.74 -10.39
CA GLN A 217 29.70 -3.29 -10.37
C GLN A 217 31.17 -2.87 -10.35
N PRO A 218 32.04 -3.43 -9.51
CA PRO A 218 33.47 -3.09 -9.62
C PRO A 218 34.08 -3.50 -10.94
N GLN A 219 33.60 -4.58 -11.57
CA GLN A 219 34.09 -4.94 -12.90
C GLN A 219 33.70 -3.91 -13.93
N ILE A 220 32.46 -3.40 -13.85
CA ILE A 220 32.05 -2.30 -14.72
C ILE A 220 32.96 -1.09 -14.51
N SER A 221 33.27 -0.79 -13.25
CA SER A 221 34.15 0.33 -12.94
C SER A 221 35.55 0.12 -13.53
N SER A 222 36.08 -1.09 -13.42
CA SER A 222 37.40 -1.39 -13.96
C SER A 222 37.42 -1.25 -15.48
N LYS A 223 36.39 -1.76 -16.16
CA LYS A 223 36.32 -1.62 -17.60
C LYS A 223 36.22 -0.16 -18.02
N LYS A 224 35.42 0.62 -17.29
CA LYS A 224 35.31 2.04 -17.61
C LYS A 224 36.63 2.75 -17.42
N LYS A 225 37.38 2.40 -16.38
CA LYS A 225 38.69 3.01 -16.18
C LYS A 225 39.64 2.63 -17.32
N LEU A 226 39.57 1.39 -17.79
CA LEU A 226 40.37 0.99 -18.95
C LEU A 226 39.99 1.80 -20.17
N MET A 227 38.71 2.12 -20.30
CA MET A 227 38.26 2.93 -21.44
C MET A 227 38.72 4.38 -21.31
N ASP A 228 38.88 4.86 -20.08
CA ASP A 228 39.20 6.27 -19.83
C ASP A 228 40.68 6.56 -19.70
N ASP A 229 41.53 5.55 -19.54
CA ASP A 229 42.97 5.74 -19.36
C ASP A 229 43.71 4.90 -20.41
N ASN A 230 43.84 5.44 -21.61
CA ASN A 230 44.55 4.77 -22.69
C ASN A 230 45.25 5.83 -23.53
N ASN A 231 46.01 5.38 -24.53
CA ASN A 231 46.80 6.27 -25.37
C ASN A 231 46.27 6.34 -26.81
N LEU A 232 44.97 6.13 -27.00
CA LEU A 232 44.38 6.23 -28.33
C LEU A 232 44.40 7.69 -28.80
N SER A 233 43.94 8.61 -27.95
CA SER A 233 43.94 10.02 -28.32
C SER A 233 45.36 10.53 -28.55
N THR A 234 46.34 9.98 -27.84
CA THR A 234 47.73 10.39 -28.03
C THR A 234 48.22 10.02 -29.42
N THR A 235 47.99 8.77 -29.84
CA THR A 235 48.39 8.37 -31.19
C THR A 235 47.64 9.18 -32.24
N ILE A 236 46.35 9.44 -32.00
CA ILE A 236 45.58 10.26 -32.94
C ILE A 236 46.19 11.64 -33.07
N LYS A 237 46.54 12.26 -31.94
CA LYS A 237 47.11 13.60 -31.98
C LYS A 237 48.47 13.62 -32.66
N ASP A 238 49.30 12.62 -32.40
CA ASP A 238 50.63 12.57 -33.03
C ASP A 238 50.51 12.41 -34.54
N LEU A 239 49.67 11.48 -34.99
CA LEU A 239 49.47 11.29 -36.42
C LEU A 239 48.87 12.53 -37.07
N GLN A 240 47.94 13.20 -36.37
CA GLN A 240 47.33 14.41 -36.93
C GLN A 240 48.34 15.54 -37.02
N SER A 241 49.27 15.63 -36.05
CA SER A 241 50.31 16.65 -36.11
C SER A 241 51.25 16.40 -37.29
N LYS A 242 51.66 15.14 -37.48
CA LYS A 242 52.44 14.80 -38.66
C LYS A 242 51.71 15.18 -39.94
N ILE A 243 50.42 14.85 -40.01
CA ILE A 243 49.63 15.15 -41.21
C ILE A 243 49.54 16.64 -41.43
N ASP A 244 49.38 17.42 -40.36
CA ASP A 244 49.27 18.87 -40.50
C ASP A 244 50.57 19.47 -40.98
N GLU A 245 51.70 18.99 -40.46
CA GLU A 245 52.99 19.50 -40.93
C GLU A 245 53.19 19.17 -42.41
N LYS A 246 52.88 17.93 -42.80
CA LYS A 246 53.03 17.55 -44.20
C LYS A 246 52.06 18.30 -45.10
N ASN A 247 50.85 18.62 -44.61
CA ASN A 247 49.91 19.40 -45.39
C ASN A 247 50.39 20.83 -45.57
N LYS A 248 51.00 21.40 -44.52
CA LYS A 248 51.59 22.73 -44.66
C LYS A 248 52.70 22.72 -45.71
N GLU A 249 53.53 21.67 -45.69
CA GLU A 249 54.58 21.54 -46.70
C GLU A 249 53.98 21.42 -48.10
N ILE A 250 52.92 20.63 -48.25
CA ILE A 250 52.27 20.45 -49.55
C ILE A 250 51.68 21.77 -50.04
N ASP A 251 51.03 22.51 -49.14
CA ASP A 251 50.46 23.80 -49.53
C ASP A 251 51.55 24.77 -49.98
N GLN A 252 52.64 24.86 -49.22
CA GLN A 252 53.72 25.77 -49.60
C GLN A 252 54.35 25.36 -50.93
N PHE A 253 54.58 24.06 -51.13
CA PHE A 253 55.17 23.60 -52.38
C PHE A 253 54.27 23.90 -53.57
N GLN A 254 52.96 23.69 -53.42
CA GLN A 254 52.04 23.99 -54.51
C GLN A 254 51.96 25.49 -54.79
N LYS A 255 52.05 26.28 -53.75
CA LYS A 255 51.96 27.70 -53.94
C LYS A 255 53.20 28.24 -54.56
N ASP A 256 54.33 27.66 -54.20
CA ASP A 256 55.59 28.15 -54.70
C ASP A 256 56.03 27.52 -55.97
N TYR A 257 56.12 26.21 -56.14
CA TYR A 257 56.61 25.85 -57.48
C TYR A 257 55.69 26.15 -58.68
N ASN A 258 54.45 25.69 -58.66
CA ASN A 258 53.50 26.20 -59.65
C ASN A 258 52.61 27.25 -59.00
N GLU A 287 61.84 20.23 -60.37
CA GLU A 287 61.53 18.83 -60.65
C GLU A 287 61.72 17.95 -59.41
N LYS A 288 62.82 18.19 -58.68
CA LYS A 288 63.08 17.44 -57.46
C LYS A 288 61.99 17.70 -56.42
N ALA A 289 61.56 18.95 -56.30
CA ALA A 289 60.49 19.30 -55.37
C ALA A 289 59.17 18.62 -55.72
N ARG A 290 58.91 18.42 -57.02
CA ARG A 290 57.68 17.75 -57.44
C ARG A 290 57.60 16.33 -56.90
N LYS A 291 58.70 15.58 -57.00
CA LYS A 291 58.72 14.23 -56.47
C LYS A 291 58.51 14.23 -54.96
N GLN A 292 59.12 15.19 -54.27
CA GLN A 292 58.91 15.32 -52.83
C GLN A 292 57.46 15.67 -52.51
N LYS A 293 56.83 16.51 -53.34
CA LYS A 293 55.42 16.86 -53.11
C LYS A 293 54.52 15.63 -53.26
N ASN A 294 54.76 14.82 -54.30
CA ASN A 294 53.94 13.61 -54.47
C ASN A 294 54.22 12.58 -53.37
N LYS A 295 55.47 12.48 -52.93
CA LYS A 295 55.81 11.63 -51.79
C LYS A 295 55.04 12.06 -50.55
N LEU A 296 55.00 13.37 -50.29
CA LEU A 296 54.24 13.89 -49.16
C LEU A 296 52.76 13.58 -49.31
N ILE A 297 52.24 13.65 -50.54
CA ILE A 297 50.83 13.35 -50.78
C ILE A 297 50.52 11.90 -50.39
N ASP A 298 51.38 10.97 -50.84
CA ASP A 298 51.16 9.56 -50.51
C ASP A 298 51.27 9.31 -49.01
N GLU A 299 52.27 9.94 -48.37
CA GLU A 299 52.42 9.78 -46.92
C GLU A 299 51.19 10.30 -46.19
N VAL A 300 50.67 11.46 -46.62
CA VAL A 300 49.48 12.03 -45.99
C VAL A 300 48.29 11.10 -46.19
N LYS A 301 48.16 10.49 -47.37
CA LYS A 301 47.06 9.56 -47.60
C LYS A 301 47.11 8.39 -46.63
N ASP A 302 48.29 7.77 -46.50
CA ASP A 302 48.43 6.63 -45.59
C ASP A 302 48.14 7.02 -44.14
N LEU A 303 48.74 8.13 -43.69
CA LEU A 303 48.53 8.58 -42.32
C LEU A 303 47.09 8.96 -42.07
N GLN A 304 46.39 9.48 -43.10
CA GLN A 304 45.00 9.86 -42.93
C GLN A 304 44.09 8.63 -42.83
N SER A 305 44.40 7.58 -43.60
CA SER A 305 43.66 6.34 -43.42
C SER A 305 43.82 5.80 -42.00
N GLN A 306 45.06 5.80 -41.51
CA GLN A 306 45.29 5.37 -40.13
C GLN A 306 44.53 6.24 -39.14
N VAL A 307 44.51 7.56 -39.38
CA VAL A 307 43.81 8.49 -38.48
C VAL A 307 42.32 8.22 -38.48
N LYS A 308 41.74 7.94 -39.66
CA LYS A 308 40.31 7.64 -39.72
C LYS A 308 39.98 6.40 -38.92
N ASP A 309 40.76 5.33 -39.11
CA ASP A 309 40.52 4.10 -38.34
C ASP A 309 40.61 4.36 -36.84
N LYS A 310 41.70 5.00 -36.40
CA LYS A 310 41.87 5.22 -34.96
C LYS A 310 40.83 6.17 -34.40
N SER A 311 40.36 7.13 -35.20
CA SER A 311 39.33 8.04 -34.73
C SER A 311 38.00 7.33 -34.52
N ALA A 312 37.61 6.46 -35.46
CA ALA A 312 36.42 5.66 -35.27
C ALA A 312 36.52 4.81 -34.01
N LEU A 313 37.68 4.16 -33.82
CA LEU A 313 37.85 3.30 -32.65
C LEU A 313 37.75 4.10 -31.35
N GLN A 314 38.39 5.28 -31.32
CA GLN A 314 38.38 6.11 -30.12
C GLN A 314 36.99 6.62 -29.80
N THR A 315 36.23 7.02 -30.84
CA THR A 315 34.86 7.45 -30.61
C THR A 315 34.02 6.32 -30.03
N SER A 316 34.18 5.11 -30.56
CA SER A 316 33.48 3.97 -29.99
C SER A 316 33.85 3.76 -28.52
N VAL A 317 35.14 3.85 -28.19
CA VAL A 317 35.57 3.65 -26.81
C VAL A 317 34.97 4.70 -25.88
N GLN A 318 34.94 5.96 -26.33
CA GLN A 318 34.38 7.03 -25.51
C GLN A 318 32.88 6.83 -25.27
N ASN A 319 32.14 6.47 -26.32
CA ASN A 319 30.72 6.22 -26.16
C ASN A 319 30.47 5.02 -25.25
N LEU A 320 31.32 3.99 -25.35
CA LEU A 320 31.18 2.83 -24.49
C LEU A 320 31.43 3.22 -23.04
N SER A 321 32.37 4.14 -22.80
CA SER A 321 32.59 4.64 -21.45
C SER A 321 31.34 5.32 -20.91
N LEU A 322 30.66 6.12 -21.75
CA LEU A 322 29.40 6.73 -21.31
C LEU A 322 28.36 5.67 -20.96
N SER A 323 28.22 4.66 -21.81
CA SER A 323 27.25 3.59 -21.55
C SER A 323 27.57 2.86 -20.25
N PHE A 324 28.86 2.61 -20.00
CA PHE A 324 29.26 1.94 -18.76
C PHE A 324 29.01 2.81 -17.54
N ALA A 325 29.15 4.13 -17.69
CA ALA A 325 28.77 5.02 -16.61
C ALA A 325 27.29 4.88 -16.28
N GLY A 326 26.45 4.79 -17.31
CA GLY A 326 25.02 4.58 -17.08
C GLY A 326 24.73 3.26 -16.38
N ILE A 327 25.38 2.18 -16.84
CA ILE A 327 25.22 0.87 -16.19
C ILE A 327 25.62 0.97 -14.72
N HIS A 328 26.73 1.66 -14.44
CA HIS A 328 27.20 1.79 -13.07
C HIS A 328 26.18 2.54 -12.22
N THR A 329 25.59 3.60 -12.77
CA THR A 329 24.58 4.35 -12.02
C THR A 329 23.40 3.45 -11.66
N SER A 330 22.91 2.67 -12.63
CA SER A 330 21.80 1.76 -12.34
C SER A 330 22.18 0.74 -11.26
N MET A 331 23.40 0.20 -11.33
CA MET A 331 23.84 -0.76 -10.33
C MET A 331 23.93 -0.12 -8.94
N VAL A 332 24.43 1.10 -8.88
CA VAL A 332 24.53 1.82 -7.61
C VAL A 332 23.14 2.01 -7.01
N ASP A 333 22.17 2.41 -7.84
CA ASP A 333 20.81 2.60 -7.34
C ASP A 333 20.22 1.29 -6.82
N ALA A 334 20.44 0.19 -7.53
CA ALA A 334 19.92 -1.10 -7.06
C ALA A 334 20.59 -1.56 -5.77
N GLU A 335 21.85 -1.18 -5.55
CA GLU A 335 22.59 -1.66 -4.38
C GLU A 335 21.94 -1.22 -3.07
N GLU A 336 21.54 0.05 -2.97
CA GLU A 336 20.89 0.53 -1.75
C GLU A 336 19.59 -0.22 -1.47
N ALA A 337 18.80 -0.44 -2.51
CA ALA A 337 17.55 -1.18 -2.36
C ALA A 337 17.80 -2.59 -1.86
N LEU A 338 18.81 -3.26 -2.42
CA LEU A 338 19.11 -4.62 -1.97
C LEU A 338 19.60 -4.61 -0.53
N ASN A 339 20.36 -3.60 -0.14
CA ASN A 339 20.78 -3.45 1.24
C ASN A 339 19.59 -3.36 2.17
N HIS A 340 18.62 -2.51 1.82
CA HIS A 340 17.42 -2.34 2.64
C HIS A 340 16.65 -3.66 2.76
N LEU A 341 16.43 -4.34 1.63
CA LEU A 341 15.64 -5.57 1.65
C LEU A 341 16.35 -6.66 2.45
N ASP A 342 17.68 -6.76 2.29
CA ASP A 342 18.47 -7.73 3.05
C ASP A 342 18.38 -7.43 4.55
N PHE A 343 18.45 -6.15 4.92
CA PHE A 343 18.35 -5.79 6.33
C PHE A 343 16.98 -6.17 6.89
N MET A 344 15.91 -5.92 6.15
CA MET A 344 14.58 -6.29 6.65
C MET A 344 14.46 -7.79 6.84
N TRP A 345 14.92 -8.58 5.88
CA TRP A 345 14.81 -10.03 6.03
C TRP A 345 15.70 -10.54 7.17
N ASN A 346 16.86 -9.91 7.38
CA ASN A 346 17.70 -10.29 8.51
C ASN A 346 17.01 -9.99 9.83
N THR A 347 16.32 -8.84 9.92
CA THR A 347 15.59 -8.50 11.13
C THR A 347 14.52 -9.54 11.43
N MET A 348 13.75 -9.92 10.40
CA MET A 348 12.71 -10.91 10.61
C MET A 348 13.31 -12.27 11.01
N LEU A 349 14.41 -12.66 10.37
CA LEU A 349 15.06 -13.92 10.72
C LEU A 349 15.55 -13.90 12.17
N THR A 350 16.09 -12.76 12.61
CA THR A 350 16.55 -12.64 13.99
C THR A 350 15.38 -12.76 14.96
N GLN A 351 14.24 -12.14 14.64
CA GLN A 351 13.07 -12.25 15.52
C GLN A 351 12.58 -13.69 15.59
N ILE A 352 12.60 -14.41 14.46
CA ILE A 352 12.15 -15.80 14.46
C ILE A 352 13.11 -16.65 15.29
N THR A 353 14.42 -16.39 15.17
CA THR A 353 15.39 -17.13 15.96
C THR A 353 15.21 -16.86 17.45
N THR A 354 14.89 -15.62 17.81
CA THR A 354 14.59 -15.31 19.21
C THR A 354 13.38 -16.10 19.69
N SER A 355 12.33 -16.18 18.86
CA SER A 355 11.15 -16.96 19.21
C SER A 355 11.50 -18.44 19.43
N ARG A 356 12.30 -19.01 18.53
CA ARG A 356 12.68 -20.42 18.67
C ARG A 356 13.50 -20.65 19.92
N ASP A 357 14.47 -19.77 20.20
CA ASP A 357 15.30 -19.94 21.39
C ASP A 357 14.47 -19.79 22.67
N LYS A 358 13.50 -18.88 22.67
CA LYS A 358 12.63 -18.75 23.85
C LYS A 358 11.74 -19.98 24.00
N PHE A 359 11.30 -20.56 22.87
CA PHE A 359 10.51 -21.79 22.94
C PHE A 359 11.33 -22.93 23.51
N ASP A 360 12.65 -22.91 23.27
CA ASP A 360 13.51 -23.93 23.88
C ASP A 360 13.49 -23.90 25.41
N ASP A 361 12.89 -22.88 26.03
CA ASP A 361 12.84 -22.75 27.48
C ASP A 361 11.52 -23.24 28.07
N ILE A 362 10.73 -24.01 27.31
CA ILE A 362 9.41 -24.45 27.73
C ILE A 362 9.50 -25.91 28.13
N ASN A 363 8.97 -26.23 29.31
CA ASN A 363 8.92 -27.61 29.79
C ASN A 363 7.68 -27.79 30.65
N ASP A 364 7.30 -29.05 30.83
CA ASP A 364 6.07 -29.37 31.55
C ASP A 364 6.17 -29.07 33.04
N ALA A 365 7.38 -29.05 33.61
CA ALA A 365 7.55 -28.84 35.04
C ALA A 365 7.31 -27.39 35.46
N LEU A 366 7.28 -26.46 34.51
CA LEU A 366 7.12 -25.05 34.83
C LEU A 366 5.74 -24.79 35.44
N LYS A 367 5.70 -23.84 36.38
CA LYS A 367 4.43 -23.37 36.91
C LYS A 367 3.67 -22.60 35.82
N LEU A 368 2.36 -22.46 36.03
CA LEU A 368 1.54 -21.81 35.01
C LEU A 368 1.90 -20.34 34.86
N THR A 369 2.30 -19.66 35.94
CA THR A 369 2.72 -18.27 35.84
C THR A 369 4.01 -18.15 35.04
N SER A 370 5.01 -18.96 35.40
CA SER A 370 6.26 -18.98 34.65
C SER A 370 6.03 -19.39 33.20
N PHE A 371 5.12 -20.34 32.98
CA PHE A 371 4.81 -20.76 31.61
C PHE A 371 4.18 -19.63 30.81
N VAL A 372 3.27 -18.87 31.43
CA VAL A 372 2.67 -17.74 30.73
C VAL A 372 3.72 -16.70 30.37
N ILE A 373 4.64 -16.41 31.31
CA ILE A 373 5.70 -15.43 31.02
C ILE A 373 6.57 -15.91 29.87
N ALA A 374 7.03 -17.17 29.94
CA ALA A 374 7.89 -17.70 28.91
C ALA A 374 7.20 -17.75 27.55
N PHE A 375 5.91 -18.12 27.53
CA PHE A 375 5.18 -18.21 26.27
C PHE A 375 4.90 -16.85 25.68
N LYS A 376 4.68 -15.83 26.52
CA LYS A 376 4.60 -14.46 26.01
C LYS A 376 5.91 -14.08 25.34
N GLN A 377 7.04 -14.39 25.98
CA GLN A 377 8.33 -14.12 25.35
C GLN A 377 8.48 -14.88 24.04
N VAL A 378 7.90 -16.08 23.96
CA VAL A 378 8.01 -16.88 22.74
C VAL A 378 7.24 -16.23 21.60
N ILE A 379 5.98 -15.84 21.85
CA ILE A 379 5.12 -15.39 20.75
C ILE A 379 5.22 -13.89 20.49
N GLU A 380 5.94 -13.14 21.33
CA GLU A 380 6.08 -11.70 21.10
C GLU A 380 6.72 -11.36 19.75
N PRO A 381 7.84 -11.96 19.34
CA PRO A 381 8.48 -11.52 18.09
C PRO A 381 7.62 -11.76 16.86
N TRP A 382 6.68 -12.70 16.91
CA TRP A 382 5.86 -12.99 15.74
C TRP A 382 4.91 -11.85 15.40
N ARG A 383 4.56 -11.00 16.38
CA ARG A 383 3.78 -9.81 16.06
C ARG A 383 4.54 -8.90 15.11
N ASP A 384 5.79 -8.57 15.45
CA ASP A 384 6.61 -7.75 14.57
C ASP A 384 6.88 -8.48 13.26
N VAL A 385 7.04 -9.80 13.31
CA VAL A 385 7.31 -10.56 12.08
C VAL A 385 6.14 -10.44 11.12
N GLN A 386 4.91 -10.63 11.61
CA GLN A 386 3.75 -10.56 10.73
C GLN A 386 3.50 -9.13 10.28
N GLY A 387 3.81 -8.13 11.12
CA GLY A 387 3.71 -6.75 10.67
C GLY A 387 4.67 -6.46 9.53
N SER A 388 5.92 -6.88 9.67
CA SER A 388 6.90 -6.67 8.61
C SER A 388 6.54 -7.44 7.35
N ALA A 389 6.01 -8.64 7.50
CA ALA A 389 5.59 -9.42 6.32
C ALA A 389 4.46 -8.72 5.58
N ALA A 390 3.47 -8.21 6.33
CA ALA A 390 2.38 -7.48 5.69
C ALA A 390 2.89 -6.22 5.02
N GLN A 391 3.86 -5.53 5.64
CA GLN A 391 4.46 -4.36 5.00
C GLN A 391 5.14 -4.73 3.70
N LEU A 392 5.90 -5.83 3.69
CA LEU A 392 6.56 -6.27 2.47
C LEU A 392 5.54 -6.59 1.39
N ILE A 393 4.45 -7.27 1.75
CA ILE A 393 3.42 -7.60 0.77
C ILE A 393 2.81 -6.33 0.18
N GLN A 394 2.47 -5.36 1.05
CA GLN A 394 1.86 -4.12 0.59
C GLN A 394 2.81 -3.33 -0.31
N THR A 395 4.08 -3.22 0.09
CA THR A 395 5.05 -2.48 -0.72
C THR A 395 5.27 -3.16 -2.06
N PHE A 396 5.31 -4.50 -2.07
CA PHE A 396 5.48 -5.22 -3.34
C PHE A 396 4.28 -4.99 -4.26
N ASP A 397 3.06 -5.07 -3.72
CA ASP A 397 1.88 -4.80 -4.53
C ASP A 397 1.91 -3.39 -5.10
N GLU A 398 2.18 -2.40 -4.24
CA GLU A 398 2.20 -1.01 -4.71
C GLU A 398 3.29 -0.78 -5.75
N ALA A 399 4.48 -1.32 -5.51
CA ALA A 399 5.59 -1.09 -6.43
C ALA A 399 5.36 -1.79 -7.76
N LEU A 400 4.81 -3.01 -7.74
CA LEU A 400 4.53 -3.71 -8.99
C LEU A 400 3.43 -3.01 -9.77
N ALA A 401 2.40 -2.50 -9.08
CA ALA A 401 1.37 -1.73 -9.77
C ALA A 401 1.95 -0.47 -10.39
N GLU A 402 2.82 0.22 -9.66
CA GLU A 402 3.42 1.44 -10.17
C GLU A 402 4.36 1.16 -11.35
N TYR A 403 5.04 0.01 -11.32
CA TYR A 403 5.92 -0.35 -12.43
C TYR A 403 5.12 -0.76 -13.65
N LYS A 404 3.99 -1.44 -13.45
CA LYS A 404 3.13 -1.78 -14.57
C LYS A 404 2.48 -0.55 -15.18
N LYS A 405 2.22 0.47 -14.37
CA LYS A 405 1.70 1.74 -14.89
C LYS A 405 2.81 2.54 -15.58
N GLY B 40 -28.00 20.13 22.90
CA GLY B 40 -27.73 19.67 21.54
C GLY B 40 -26.38 18.97 21.43
N GLY B 41 -26.37 17.85 20.70
CA GLY B 41 -25.15 17.09 20.53
C GLY B 41 -24.27 17.63 19.42
N ILE B 42 -23.07 17.05 19.32
CA ILE B 42 -22.12 17.47 18.30
C ILE B 42 -22.56 17.05 16.90
N PHE B 43 -23.36 16.00 16.78
CA PHE B 43 -23.93 15.59 15.50
C PHE B 43 -25.28 16.30 15.32
N THR B 44 -25.31 17.26 14.41
CA THR B 44 -26.51 18.08 14.21
C THR B 44 -27.35 17.51 13.08
N LYS B 45 -28.56 18.07 12.94
CA LYS B 45 -29.44 17.63 11.86
C LYS B 45 -28.88 17.97 10.50
N GLY B 46 -28.15 19.09 10.39
CA GLY B 46 -27.55 19.46 9.13
C GLY B 46 -26.52 18.45 8.63
N ASP B 47 -25.82 17.79 9.56
CA ASP B 47 -24.85 16.77 9.17
C ASP B 47 -25.53 15.59 8.50
N LEU B 48 -26.56 15.03 9.16
CA LEU B 48 -27.30 13.93 8.56
C LEU B 48 -27.99 14.36 7.26
N ILE B 49 -28.44 15.62 7.20
CA ILE B 49 -29.06 16.12 5.97
C ILE B 49 -28.03 16.13 4.83
N ASN B 50 -26.81 16.60 5.13
CA ASN B 50 -25.75 16.59 4.12
C ASN B 50 -25.42 15.18 3.66
N ILE B 51 -25.37 14.23 4.61
CA ILE B 51 -25.09 12.85 4.23
C ILE B 51 -26.19 12.32 3.30
N LYS B 52 -27.45 12.57 3.64
CA LYS B 52 -28.54 12.07 2.83
C LYS B 52 -28.58 12.75 1.47
N LEU B 53 -28.23 14.04 1.39
CA LEU B 53 -28.17 14.72 0.11
C LEU B 53 -27.06 14.15 -0.75
N TYR B 54 -25.90 13.85 -0.15
CA TYR B 54 -24.83 13.17 -0.89
C TYR B 54 -25.31 11.82 -1.41
N VAL B 55 -26.00 11.05 -0.57
CA VAL B 55 -26.48 9.73 -1.00
C VAL B 55 -27.46 9.87 -2.15
N LYS B 56 -28.38 10.85 -2.06
CA LYS B 56 -29.36 11.06 -3.11
C LYS B 56 -28.69 11.44 -4.43
N HIS B 57 -27.78 12.41 -4.38
CA HIS B 57 -27.09 12.84 -5.59
C HIS B 57 -26.23 11.73 -6.19
N SER B 58 -25.67 10.87 -5.34
CA SER B 58 -24.85 9.76 -5.86
C SER B 58 -25.71 8.63 -6.42
N LEU B 59 -26.92 8.45 -5.89
CA LEU B 59 -27.81 7.43 -6.44
C LEU B 59 -28.43 7.86 -7.77
N GLU B 60 -28.55 9.16 -8.00
CA GLU B 60 -29.05 9.64 -9.29
C GLU B 60 -28.09 9.35 -10.43
N LEU B 61 -26.82 9.06 -10.12
CA LEU B 61 -25.83 8.73 -11.13
C LEU B 61 -26.04 7.30 -11.64
N PRO B 62 -25.72 7.05 -12.90
CA PRO B 62 -25.81 5.69 -13.42
C PRO B 62 -24.56 4.89 -13.07
N PHE B 63 -24.71 3.56 -13.12
CA PHE B 63 -23.65 2.65 -12.71
C PHE B 63 -23.38 1.53 -13.70
N THR B 64 -24.09 1.50 -14.83
CA THR B 64 -23.85 0.51 -15.88
C THR B 64 -22.97 1.12 -16.97
N LEU B 65 -22.28 0.23 -17.70
CA LEU B 65 -21.34 0.69 -18.71
C LEU B 65 -22.03 1.54 -19.77
N GLU B 66 -23.22 1.13 -20.22
CA GLU B 66 -23.96 1.93 -21.20
C GLU B 66 -24.41 3.25 -20.58
N GLY B 67 -24.91 3.20 -19.34
CA GLY B 67 -25.28 4.42 -18.66
C GLY B 67 -24.09 5.34 -18.43
N VAL B 68 -22.93 4.76 -18.11
CA VAL B 68 -21.72 5.57 -17.93
C VAL B 68 -21.33 6.25 -19.24
N LYS B 69 -21.34 5.48 -20.34
CA LYS B 69 -20.99 6.06 -21.63
C LYS B 69 -21.98 7.15 -22.05
N GLU B 70 -23.26 6.99 -21.70
CA GLU B 70 -24.23 8.04 -22.02
C GLU B 70 -24.04 9.27 -21.15
N TYR B 71 -23.71 9.08 -19.87
CA TYR B 71 -23.56 10.20 -18.95
C TYR B 71 -22.31 11.02 -19.28
N ILE B 72 -21.18 10.35 -19.53
CA ILE B 72 -19.94 11.07 -19.79
C ILE B 72 -19.99 11.77 -21.14
N GLY B 73 -20.76 11.25 -22.09
CA GLY B 73 -20.95 11.90 -23.36
C GLY B 73 -20.06 11.43 -24.49
N TYR B 74 -19.37 10.30 -24.32
CA TYR B 74 -18.51 9.77 -25.37
C TYR B 74 -18.29 8.29 -25.13
N ASN B 75 -17.98 7.57 -26.21
CA ASN B 75 -17.72 6.15 -26.13
C ASN B 75 -16.25 5.78 -26.02
N ASP B 76 -15.35 6.69 -26.38
CA ASP B 76 -13.91 6.42 -26.28
C ASP B 76 -13.16 7.75 -26.30
N ILE B 77 -11.96 7.73 -25.73
CA ILE B 77 -11.10 8.90 -25.74
C ILE B 77 -9.64 8.44 -25.73
N ASP B 78 -8.78 9.25 -26.35
CA ASP B 78 -7.36 8.93 -26.44
C ASP B 78 -6.62 9.10 -25.12
N ILE B 79 -7.24 9.71 -24.12
CA ILE B 79 -6.59 9.97 -22.85
C ILE B 79 -6.78 8.76 -21.93
N ASP B 80 -5.67 8.16 -21.53
CA ASP B 80 -5.71 7.05 -20.58
C ASP B 80 -6.16 7.55 -19.21
N GLY B 81 -7.07 6.80 -18.59
CA GLY B 81 -7.63 7.15 -17.29
C GLY B 81 -9.08 7.60 -17.37
N LEU B 82 -9.47 8.23 -18.47
CA LEU B 82 -10.85 8.62 -18.70
C LEU B 82 -11.57 7.62 -19.59
N LYS B 83 -10.98 6.44 -19.80
CA LYS B 83 -11.61 5.39 -20.59
C LYS B 83 -12.92 4.97 -19.94
N PRO B 84 -13.91 4.55 -20.75
CA PRO B 84 -15.22 4.22 -20.17
C PRO B 84 -15.17 3.08 -19.14
N ALA B 85 -14.21 2.17 -19.25
CA ALA B 85 -14.12 1.08 -18.28
C ALA B 85 -13.75 1.58 -16.89
N LYS B 86 -12.71 2.43 -16.81
CA LYS B 86 -12.31 2.97 -15.52
C LYS B 86 -13.38 3.88 -14.93
N MET B 87 -14.02 4.70 -15.77
CA MET B 87 -15.11 5.54 -15.31
C MET B 87 -16.27 4.71 -14.80
N ALA B 88 -16.59 3.61 -15.49
CA ALA B 88 -17.66 2.72 -15.04
C ALA B 88 -17.31 2.07 -13.71
N THR B 89 -16.05 1.67 -13.53
CA THR B 89 -15.62 1.11 -12.25
C THR B 89 -15.78 2.13 -11.13
N LEU B 90 -15.37 3.38 -11.38
CA LEU B 90 -15.48 4.42 -10.37
C LEU B 90 -16.94 4.71 -10.02
N PHE B 91 -17.80 4.79 -11.05
CA PHE B 91 -19.23 5.01 -10.81
C PHE B 91 -19.84 3.84 -10.04
N LYS B 92 -19.42 2.61 -10.37
CA LYS B 92 -19.94 1.44 -9.65
C LYS B 92 -19.54 1.48 -8.18
N GLU B 93 -18.30 1.87 -7.91
CA GLU B 93 -17.85 2.00 -6.52
C GLU B 93 -18.65 3.06 -5.78
N ILE B 94 -18.86 4.23 -6.41
CA ILE B 94 -19.64 5.28 -5.77
C ILE B 94 -21.06 4.82 -5.50
N HIS B 95 -21.68 4.13 -6.47
CA HIS B 95 -23.05 3.69 -6.30
C HIS B 95 -23.16 2.66 -5.17
N ASP B 96 -22.23 1.70 -5.13
CA ASP B 96 -22.25 0.71 -4.06
C ASP B 96 -22.02 1.34 -2.70
N HIS B 97 -21.14 2.35 -2.63
CA HIS B 97 -20.95 3.07 -1.39
C HIS B 97 -22.22 3.78 -0.95
N ALA B 98 -22.90 4.44 -1.89
CA ALA B 98 -24.13 5.15 -1.56
C ALA B 98 -25.23 4.20 -1.10
N LEU B 99 -25.28 3.01 -1.69
CA LEU B 99 -26.29 2.02 -1.30
C LEU B 99 -26.10 1.55 0.13
N SER B 100 -24.83 1.39 0.56
CA SER B 100 -24.56 0.87 1.89
C SER B 100 -25.02 1.79 3.01
N TRP B 101 -25.25 3.07 2.73
CA TRP B 101 -25.62 4.02 3.78
C TRP B 101 -26.91 3.64 4.49
N SER B 102 -27.86 3.01 3.79
CA SER B 102 -29.16 2.70 4.40
C SER B 102 -28.98 1.77 5.59
N GLY B 103 -28.22 0.69 5.42
CA GLY B 103 -27.98 -0.22 6.53
C GLY B 103 -27.23 0.45 7.67
N VAL B 104 -26.28 1.32 7.36
CA VAL B 104 -25.53 2.02 8.39
C VAL B 104 -26.47 2.92 9.21
N GLU B 105 -27.33 3.67 8.52
CA GLU B 105 -28.26 4.54 9.22
C GLU B 105 -29.23 3.74 10.09
N SER B 106 -29.77 2.64 9.56
CA SER B 106 -30.67 1.82 10.36
C SER B 106 -29.97 1.26 11.59
N LYS B 107 -28.74 0.75 11.43
CA LYS B 107 -28.00 0.23 12.57
C LYS B 107 -27.74 1.32 13.60
N VAL B 108 -27.39 2.52 13.15
CA VAL B 108 -27.14 3.62 14.07
C VAL B 108 -28.38 3.93 14.88
N GLN B 109 -29.53 4.04 14.21
CA GLN B 109 -30.78 4.39 14.91
C GLN B 109 -31.17 3.29 15.89
N GLN B 110 -31.13 2.03 15.46
CA GLN B 110 -31.52 0.93 16.32
C GLN B 110 -30.60 0.80 17.53
N GLN B 111 -29.28 0.93 17.30
CA GLN B 111 -28.35 0.81 18.41
C GLN B 111 -28.44 2.00 19.34
N SER B 112 -28.82 3.17 18.82
CA SER B 112 -29.05 4.30 19.71
C SER B 112 -30.25 4.05 20.62
N ILE B 113 -31.34 3.51 20.06
CA ILE B 113 -32.48 3.13 20.89
C ILE B 113 -32.07 2.11 21.94
N ASP B 114 -31.32 1.08 21.51
CA ASP B 114 -30.90 0.03 22.44
C ASP B 114 -30.01 0.57 23.54
N LEU B 115 -29.07 1.47 23.19
CA LEU B 115 -28.18 2.03 24.19
C LEU B 115 -28.93 2.92 25.16
N GLU B 116 -29.89 3.71 24.68
CA GLU B 116 -30.68 4.53 25.59
C GLU B 116 -31.47 3.66 26.56
N ASN B 117 -32.11 2.60 26.05
CA ASN B 117 -32.90 1.72 26.93
C ASN B 117 -32.01 1.03 27.95
N ALA B 118 -30.90 0.44 27.50
CA ALA B 118 -29.99 -0.26 28.40
C ALA B 118 -29.40 0.68 29.42
N GLY B 119 -29.06 1.91 29.01
CA GLY B 119 -28.50 2.87 29.95
C GLY B 119 -29.50 3.32 30.99
N LYS B 120 -30.74 3.57 30.58
CA LYS B 120 -31.78 3.91 31.55
C LYS B 120 -31.97 2.78 32.55
N GLN B 121 -32.03 1.54 32.05
CA GLN B 121 -32.16 0.38 32.94
C GLN B 121 -31.00 0.31 33.93
N ILE B 122 -29.77 0.38 33.42
CA ILE B 122 -28.58 0.25 34.27
C ILE B 122 -28.52 1.37 35.30
N THR B 123 -28.78 2.61 34.87
CA THR B 123 -28.73 3.73 35.77
C THR B 123 -29.75 3.60 36.89
N LEU B 124 -31.01 3.32 36.54
CA LEU B 124 -32.05 3.24 37.57
C LEU B 124 -31.78 2.08 38.53
N THR B 125 -31.46 0.91 38.00
CA THR B 125 -31.22 -0.24 38.87
C THR B 125 -30.00 -0.03 39.76
N GLY B 126 -28.91 0.49 39.20
CA GLY B 126 -27.72 0.73 40.00
C GLY B 126 -27.93 1.78 41.06
N ASP B 127 -28.65 2.86 40.74
CA ASP B 127 -28.93 3.88 41.73
C ASP B 127 -29.80 3.33 42.85
N GLU B 128 -30.79 2.49 42.51
CA GLU B 128 -31.60 1.86 43.54
C GLU B 128 -30.74 0.98 44.44
N ILE B 129 -29.87 0.18 43.85
CA ILE B 129 -28.99 -0.70 44.62
C ILE B 129 -28.11 0.11 45.56
N ILE B 130 -27.50 1.18 45.04
CA ILE B 130 -26.60 1.99 45.85
C ILE B 130 -27.34 2.67 46.99
N SER B 131 -28.54 3.19 46.71
CA SER B 131 -29.32 3.83 47.76
C SER B 131 -29.72 2.84 48.84
N VAL B 132 -30.11 1.63 48.45
CA VAL B 132 -30.49 0.63 49.45
C VAL B 132 -29.28 0.24 50.29
N ILE B 133 -28.11 0.08 49.66
CA ILE B 133 -26.93 -0.30 50.44
C ILE B 133 -26.48 0.84 51.34
N ASP B 134 -26.74 2.09 50.95
CA ASP B 134 -26.35 3.21 51.79
C ASP B 134 -27.29 3.40 52.98
N GLN B 135 -28.51 2.91 52.91
CA GLN B 135 -29.47 3.11 53.98
C GLN B 135 -29.30 2.12 55.14
N MET B 136 -28.72 0.94 54.88
CA MET B 136 -28.54 -0.03 55.93
C MET B 136 -27.46 0.43 56.91
N PRO B 137 -27.49 -0.06 58.15
CA PRO B 137 -26.61 0.50 59.19
C PRO B 137 -25.13 0.40 58.83
N ILE B 138 -24.34 1.23 59.51
CA ILE B 138 -22.93 1.35 59.18
C ILE B 138 -22.18 0.06 59.50
N ILE B 139 -22.61 -0.67 60.52
CA ILE B 139 -21.90 -1.90 60.90
C ILE B 139 -22.02 -2.95 59.81
N GLU B 140 -23.23 -3.13 59.27
CA GLU B 140 -23.39 -4.05 58.14
C GLU B 140 -22.73 -3.51 56.88
N ARG B 141 -22.72 -2.19 56.71
CA ARG B 141 -22.08 -1.59 55.54
C ARG B 141 -20.57 -1.79 55.56
N VAL B 142 -19.97 -1.88 56.74
CA VAL B 142 -18.52 -2.01 56.87
C VAL B 142 -18.07 -3.46 56.99
N LYS B 143 -18.75 -4.26 57.82
CA LYS B 143 -18.30 -5.61 58.11
C LYS B 143 -18.80 -6.65 57.10
N ASN B 144 -20.04 -6.51 56.62
CA ASN B 144 -20.58 -7.49 55.70
C ASN B 144 -19.98 -7.33 54.30
N LYS B 145 -19.95 -8.43 53.56
CA LYS B 145 -19.41 -8.47 52.21
C LYS B 145 -20.54 -8.63 51.19
N LEU B 146 -20.18 -8.46 49.92
CA LEU B 146 -21.16 -8.56 48.84
C LEU B 146 -21.81 -9.95 48.80
N GLY B 147 -21.01 -10.99 49.00
CA GLY B 147 -21.52 -12.36 48.96
C GLY B 147 -22.63 -12.62 49.95
N ASP B 148 -22.72 -11.84 51.03
CA ASP B 148 -23.78 -12.01 52.00
C ASP B 148 -25.13 -11.52 51.51
N LEU B 149 -25.18 -10.88 50.34
CA LEU B 149 -26.42 -10.36 49.80
C LEU B 149 -26.76 -10.90 48.41
N THR B 150 -25.84 -11.58 47.74
CA THR B 150 -26.07 -12.01 46.36
C THR B 150 -27.14 -13.09 46.26
N ASP B 151 -27.31 -13.89 47.31
CA ASP B 151 -28.21 -15.03 47.24
C ASP B 151 -29.67 -14.67 47.50
N LYS B 152 -29.96 -13.39 47.76
CA LYS B 152 -31.32 -12.97 48.07
C LYS B 152 -31.63 -11.64 47.39
N GLN B 153 -32.92 -11.36 47.26
CA GLN B 153 -33.38 -10.12 46.67
C GLN B 153 -33.15 -8.95 47.64
N LEU B 154 -32.90 -7.77 47.06
CA LEU B 154 -32.75 -6.56 47.87
C LEU B 154 -34.13 -5.96 48.14
N ALA B 155 -34.20 -4.65 48.33
CA ALA B 155 -35.46 -3.98 48.59
C ALA B 155 -36.36 -3.96 47.35
N GLU B 156 -36.86 -5.13 46.95
CA GLU B 156 -37.76 -5.24 45.79
C GLU B 156 -37.14 -4.60 44.55
N ILE B 157 -35.84 -4.81 44.36
CA ILE B 157 -35.14 -4.33 43.18
C ILE B 157 -35.10 -5.44 42.14
N THR B 158 -35.46 -5.10 40.91
CA THR B 158 -35.53 -6.06 39.83
C THR B 158 -34.78 -5.51 38.61
N TYR B 159 -34.21 -6.42 37.83
CA TYR B 159 -33.45 -6.06 36.65
C TYR B 159 -33.84 -6.96 35.49
N THR B 160 -34.07 -6.37 34.32
CA THR B 160 -34.42 -7.10 33.12
C THR B 160 -33.26 -6.96 32.13
N ASN B 161 -32.77 -8.10 31.63
CA ASN B 161 -31.59 -8.09 30.78
C ASN B 161 -31.99 -7.86 29.33
N ASP B 162 -31.01 -7.99 28.42
CA ASP B 162 -31.28 -7.77 27.01
C ASP B 162 -32.15 -8.86 26.41
N ASP B 163 -32.16 -10.06 26.98
CA ASP B 163 -33.01 -11.14 26.51
C ASP B 163 -34.39 -11.11 27.13
N LYS B 164 -34.81 -9.96 27.65
CA LYS B 164 -36.12 -9.75 28.27
C LYS B 164 -36.34 -10.65 29.48
N GLU B 165 -35.27 -11.22 30.03
CA GLU B 165 -35.35 -12.05 31.23
C GLU B 165 -35.18 -11.19 32.47
N ILE B 166 -35.91 -11.53 33.52
CA ILE B 166 -35.92 -10.75 34.75
C ILE B 166 -35.08 -11.46 35.79
N ALA B 167 -34.34 -10.67 36.58
CA ALA B 167 -33.51 -11.18 37.67
C ALA B 167 -33.92 -10.52 38.97
N VAL B 168 -34.04 -11.32 40.03
CA VAL B 168 -34.50 -10.85 41.32
C VAL B 168 -33.40 -10.90 42.38
N GLU B 169 -32.58 -11.95 42.38
CA GLU B 169 -31.47 -12.02 43.31
C GLU B 169 -30.35 -11.09 42.88
N LEU B 170 -29.64 -10.53 43.87
CA LEU B 170 -28.64 -9.51 43.58
C LEU B 170 -27.52 -10.05 42.70
N GLY B 171 -27.02 -11.25 43.02
CA GLY B 171 -25.94 -11.83 42.21
C GLY B 171 -26.36 -12.07 40.78
N ASN B 172 -27.57 -12.59 40.58
CA ASN B 172 -28.11 -12.75 39.23
C ASN B 172 -28.27 -11.40 38.53
N ILE B 173 -28.66 -10.37 39.29
CA ILE B 173 -28.77 -9.03 38.70
C ILE B 173 -27.41 -8.54 38.21
N LEU B 174 -26.37 -8.70 39.04
CA LEU B 174 -25.04 -8.26 38.63
C LEU B 174 -24.51 -9.06 37.43
N GLU B 175 -24.76 -10.37 37.41
CA GLU B 175 -24.30 -11.16 36.27
C GLU B 175 -25.03 -10.76 35.00
N SER B 176 -26.34 -10.52 35.08
CA SER B 176 -27.08 -10.07 33.91
C SER B 176 -26.60 -8.70 33.47
N MET B 177 -26.27 -7.81 34.41
CA MET B 177 -25.75 -6.50 34.03
C MET B 177 -24.38 -6.63 33.34
N LYS B 178 -23.52 -7.50 33.86
CA LYS B 178 -22.22 -7.71 33.24
C LYS B 178 -22.38 -8.23 31.81
N LYS B 179 -23.25 -9.22 31.61
CA LYS B 179 -23.45 -9.76 30.27
C LYS B 179 -24.08 -8.73 29.34
N ASP B 180 -25.02 -7.94 29.86
CA ASP B 180 -25.64 -6.90 29.04
C ASP B 180 -24.62 -5.85 28.63
N ILE B 181 -23.73 -5.46 29.54
CA ILE B 181 -22.72 -4.47 29.21
C ILE B 181 -21.76 -5.00 28.17
N LYS B 182 -21.37 -6.24 28.27
CA LYS B 182 -20.45 -6.77 27.31
C LYS B 182 -21.09 -6.78 25.96
N ARG B 183 -22.36 -7.13 25.92
CA ARG B 183 -23.09 -7.18 24.70
C ARG B 183 -23.24 -5.83 24.09
N GLN B 184 -23.58 -4.84 24.87
CA GLN B 184 -23.75 -3.54 24.33
C GLN B 184 -22.44 -3.04 23.80
N GLN B 185 -21.37 -3.37 24.49
CA GLN B 185 -20.05 -3.01 23.98
C GLN B 185 -19.84 -3.62 22.59
N GLU B 186 -20.18 -4.89 22.42
CA GLU B 186 -20.04 -5.53 21.11
C GLU B 186 -20.88 -4.84 20.05
N ASN B 187 -22.13 -4.50 20.38
CA ASN B 187 -23.01 -3.88 19.40
C ASN B 187 -22.55 -2.47 19.03
N THR B 188 -22.12 -1.69 20.04
CA THR B 188 -21.58 -0.37 19.76
C THR B 188 -20.31 -0.47 18.93
N GLN B 189 -19.47 -1.49 19.18
CA GLN B 189 -18.28 -1.68 18.36
C GLN B 189 -18.66 -1.99 16.92
N LYS B 190 -19.70 -2.79 16.71
CA LYS B 190 -20.14 -3.09 15.34
C LYS B 190 -20.63 -1.83 14.65
N VAL B 191 -21.40 -0.99 15.35
CA VAL B 191 -21.91 0.23 14.73
C VAL B 191 -20.77 1.21 14.42
N LYS B 192 -19.83 1.34 15.35
CA LYS B 192 -18.68 2.21 15.11
C LYS B 192 -17.84 1.70 13.94
N THR B 193 -17.67 0.39 13.84
CA THR B 193 -16.94 -0.18 12.71
C THR B 193 -17.65 0.11 11.39
N ALA B 194 -18.98 -0.01 11.37
CA ALA B 194 -19.73 0.28 10.16
C ALA B 194 -19.56 1.74 9.74
N VAL B 195 -19.73 2.66 10.68
CA VAL B 195 -19.61 4.09 10.36
C VAL B 195 -18.18 4.41 9.92
N SER B 196 -17.18 3.83 10.60
CA SER B 196 -15.80 4.10 10.25
C SER B 196 -15.45 3.56 8.87
N ASP B 197 -15.95 2.36 8.53
CA ASP B 197 -15.70 1.81 7.20
C ASP B 197 -16.36 2.66 6.13
N PHE B 198 -17.58 3.16 6.40
CA PHE B 198 -18.23 4.05 5.44
C PHE B 198 -17.39 5.31 5.22
N LYS B 199 -16.97 5.96 6.31
CA LYS B 199 -16.20 7.20 6.19
C LYS B 199 -14.87 6.96 5.50
N LEU B 200 -14.24 5.81 5.76
CA LEU B 200 -12.94 5.52 5.14
C LEU B 200 -13.09 5.18 3.67
N LYS B 201 -14.18 4.49 3.29
CA LYS B 201 -14.47 4.31 1.88
C LYS B 201 -14.72 5.65 1.19
N LEU B 202 -15.27 6.62 1.92
CA LEU B 202 -15.49 7.93 1.34
C LEU B 202 -14.16 8.68 1.13
N ILE B 203 -13.33 8.75 2.17
CA ILE B 203 -12.14 9.59 2.13
C ILE B 203 -10.84 8.81 1.89
N GLY B 204 -10.81 7.52 2.16
CA GLY B 204 -9.58 6.78 1.97
C GLY B 204 -8.94 6.38 3.29
N GLY B 205 -8.27 5.24 3.27
CA GLY B 205 -7.60 4.70 4.44
C GLY B 205 -7.69 3.19 4.44
N GLU B 206 -7.30 2.59 5.56
CA GLU B 206 -7.37 1.15 5.74
C GLU B 206 -8.70 0.80 6.39
N LEU B 207 -9.47 -0.07 5.73
CA LEU B 207 -10.77 -0.46 6.26
C LEU B 207 -10.60 -1.41 7.44
N SER B 208 -11.73 -1.82 8.03
CA SER B 208 -11.70 -2.69 9.20
C SER B 208 -11.20 -4.08 8.85
N ASP B 209 -11.44 -4.55 7.62
CA ASP B 209 -10.99 -5.86 7.19
C ASP B 209 -9.54 -5.86 6.73
N GLY B 210 -8.78 -4.81 7.01
CA GLY B 210 -7.39 -4.71 6.63
C GLY B 210 -7.14 -4.27 5.21
N THR B 211 -8.18 -4.15 4.38
CA THR B 211 -8.00 -3.75 3.00
C THR B 211 -7.74 -2.25 2.93
N ILE B 212 -6.67 -1.88 2.23
CA ILE B 212 -6.37 -0.47 1.99
C ILE B 212 -7.25 0.01 0.85
N ALA B 213 -8.14 0.95 1.14
CA ALA B 213 -9.12 1.45 0.18
C ALA B 213 -8.80 2.90 -0.16
N GLN B 214 -8.47 3.15 -1.43
CA GLN B 214 -8.33 4.51 -1.91
C GLN B 214 -9.70 5.19 -1.96
N GLY B 215 -9.79 6.39 -1.38
CA GLY B 215 -11.08 7.05 -1.30
C GLY B 215 -11.64 7.38 -2.67
N LEU B 216 -12.97 7.36 -2.75
CA LEU B 216 -13.62 7.75 -4.00
C LEU B 216 -13.49 9.24 -4.28
N GLN B 217 -13.40 10.05 -3.22
CA GLN B 217 -13.29 11.49 -3.40
C GLN B 217 -11.94 11.89 -4.00
N PRO B 218 -10.80 11.39 -3.52
CA PRO B 218 -9.54 11.68 -4.23
C PRO B 218 -9.53 11.12 -5.65
N GLN B 219 -10.22 10.01 -5.89
CA GLN B 219 -10.34 9.50 -7.26
C GLN B 219 -11.16 10.45 -8.12
N ILE B 220 -12.23 11.02 -7.57
CA ILE B 220 -12.99 12.03 -8.28
C ILE B 220 -12.11 13.23 -8.60
N SER B 221 -11.29 13.66 -7.64
CA SER B 221 -10.40 14.79 -7.88
C SER B 221 -9.38 14.47 -8.97
N SER B 222 -8.82 13.26 -8.96
CA SER B 222 -7.87 12.86 -10.00
C SER B 222 -8.52 12.83 -11.37
N LYS B 223 -9.73 12.28 -11.47
CA LYS B 223 -10.42 12.24 -12.75
C LYS B 223 -10.75 13.65 -13.24
N LYS B 224 -11.18 14.54 -12.34
CA LYS B 224 -11.44 15.92 -12.73
C LYS B 224 -10.16 16.59 -13.20
N LYS B 225 -9.03 16.27 -12.57
CA LYS B 225 -7.74 16.79 -13.01
C LYS B 225 -7.41 16.30 -14.41
N LEU B 226 -7.73 15.04 -14.71
CA LEU B 226 -7.54 14.53 -16.07
C LEU B 226 -8.41 15.29 -17.07
N MET B 227 -9.63 15.67 -16.66
CA MET B 227 -10.53 16.38 -17.55
C MET B 227 -10.08 17.82 -17.79
N ASP B 228 -9.42 18.43 -16.82
CA ASP B 228 -9.06 19.85 -16.89
C ASP B 228 -7.66 20.09 -17.46
N ASP B 229 -6.83 19.06 -17.58
CA ASP B 229 -5.46 19.20 -18.06
C ASP B 229 -5.28 18.26 -19.24
N ASN B 230 -5.71 18.71 -20.42
CA ASN B 230 -5.56 17.96 -21.66
C ASN B 230 -5.29 18.92 -22.80
N ASN B 231 -5.01 18.36 -23.98
CA ASN B 231 -4.68 19.14 -25.17
C ASN B 231 -5.78 19.07 -26.23
N LEU B 232 -7.03 18.86 -25.80
CA LEU B 232 -8.14 18.85 -26.74
C LEU B 232 -8.38 20.23 -27.33
N SER B 233 -8.45 21.25 -26.46
CA SER B 233 -8.65 22.61 -26.93
C SER B 233 -7.50 23.07 -27.80
N THR B 234 -6.28 22.60 -27.54
CA THR B 234 -5.14 22.99 -28.35
C THR B 234 -5.28 22.46 -29.78
N THR B 235 -5.61 21.17 -29.91
CA THR B 235 -5.81 20.60 -31.24
C THR B 235 -6.99 21.25 -31.95
N ILE B 236 -8.06 21.55 -31.21
CA ILE B 236 -9.21 22.23 -31.80
C ILE B 236 -8.80 23.60 -32.33
N LYS B 237 -8.02 24.35 -31.55
CA LYS B 237 -7.58 25.67 -31.99
C LYS B 237 -6.68 25.57 -33.22
N ASP B 238 -5.78 24.59 -33.25
CA ASP B 238 -4.89 24.44 -34.39
C ASP B 238 -5.67 24.11 -35.66
N LEU B 239 -6.59 23.16 -35.57
CA LEU B 239 -7.42 22.80 -36.72
C LEU B 239 -8.27 23.98 -37.17
N GLN B 240 -8.80 24.75 -36.22
CA GLN B 240 -9.61 25.91 -36.56
C GLN B 240 -8.77 26.99 -37.23
N SER B 241 -7.52 27.15 -36.81
CA SER B 241 -6.65 28.13 -37.46
C SER B 241 -6.35 27.71 -38.90
N LYS B 242 -6.07 26.43 -39.12
CA LYS B 242 -5.91 25.91 -40.47
C LYS B 242 -7.15 26.20 -41.32
N ILE B 243 -8.33 25.89 -40.77
CA ILE B 243 -9.58 26.08 -41.51
C ILE B 243 -9.82 27.55 -41.82
N ASP B 244 -9.53 28.44 -40.86
CA ASP B 244 -9.78 29.85 -41.06
C ASP B 244 -8.84 30.43 -42.12
N GLU B 245 -7.57 30.04 -42.10
CA GLU B 245 -6.66 30.50 -43.14
C GLU B 245 -7.08 29.98 -44.51
N LYS B 246 -7.44 28.70 -44.60
CA LYS B 246 -7.86 28.16 -45.90
C LYS B 246 -9.16 28.81 -46.37
N ASN B 247 -10.07 29.15 -45.46
CA ASN B 247 -11.29 29.82 -45.87
C ASN B 247 -11.00 31.23 -46.36
N LYS B 248 -10.06 31.93 -45.73
CA LYS B 248 -9.67 33.24 -46.21
C LYS B 248 -9.09 33.14 -47.63
N GLU B 249 -8.25 32.12 -47.86
CA GLU B 249 -7.71 31.91 -49.20
C GLU B 249 -8.81 31.60 -50.21
N ILE B 250 -9.80 30.78 -49.81
CA ILE B 250 -10.91 30.46 -50.69
C ILE B 250 -11.71 31.71 -51.03
N ASP B 251 -11.94 32.57 -50.02
CA ASP B 251 -12.63 33.82 -50.25
C ASP B 251 -11.87 34.68 -51.25
N GLN B 252 -10.55 34.75 -51.10
CA GLN B 252 -9.74 35.54 -52.04
C GLN B 252 -9.85 34.99 -53.45
N PHE B 253 -9.77 33.66 -53.61
CA PHE B 253 -9.85 33.06 -54.94
C PHE B 253 -11.21 33.29 -55.56
N GLN B 254 -12.28 33.15 -54.79
CA GLN B 254 -13.63 33.38 -55.32
C GLN B 254 -13.83 34.85 -55.67
N LYS B 255 -13.25 35.77 -54.91
CA LYS B 255 -13.36 37.19 -55.23
C LYS B 255 -12.61 37.50 -56.51
N ASP B 256 -11.41 36.95 -56.67
CA ASP B 256 -10.56 37.26 -57.81
C ASP B 256 -10.89 36.43 -59.04
N TYR B 257 -11.84 35.50 -58.95
CA TYR B 257 -12.37 34.78 -60.09
C TYR B 257 -12.53 35.66 -61.34
N LYS B 285 -3.13 30.64 -64.37
CA LYS B 285 -4.22 30.04 -65.14
C LYS B 285 -5.49 29.94 -64.32
N ALA B 286 -6.62 30.31 -64.95
CA ALA B 286 -7.90 30.27 -64.25
C ALA B 286 -8.28 28.85 -63.88
N GLU B 287 -8.03 27.90 -64.78
CA GLU B 287 -8.34 26.50 -64.49
C GLU B 287 -7.48 25.97 -63.34
N LYS B 288 -6.20 26.32 -63.34
CA LYS B 288 -5.32 25.90 -62.24
C LYS B 288 -5.78 26.51 -60.92
N ALA B 289 -6.17 27.79 -60.93
CA ALA B 289 -6.66 28.41 -59.71
C ALA B 289 -7.96 27.76 -59.25
N ARG B 290 -8.82 27.37 -60.19
CA ARG B 290 -10.06 26.68 -59.81
C ARG B 290 -9.76 25.33 -59.17
N LYS B 291 -8.81 24.58 -59.74
CA LYS B 291 -8.43 23.30 -59.14
C LYS B 291 -7.85 23.50 -57.74
N GLN B 292 -7.04 24.54 -57.57
CA GLN B 292 -6.51 24.84 -56.23
C GLN B 292 -7.64 25.18 -55.26
N LYS B 293 -8.62 25.94 -55.73
CA LYS B 293 -9.77 26.29 -54.89
C LYS B 293 -10.55 25.06 -54.49
N ASN B 294 -10.77 24.14 -55.42
CA ASN B 294 -11.52 22.92 -55.11
C ASN B 294 -10.75 22.04 -54.13
N LYS B 295 -9.42 21.96 -54.29
CA LYS B 295 -8.61 21.24 -53.33
C LYS B 295 -8.73 21.84 -51.94
N LEU B 296 -8.68 23.18 -51.85
CA LEU B 296 -8.83 23.84 -50.55
C LEU B 296 -10.21 23.59 -49.96
N ILE B 297 -11.24 23.58 -50.80
CA ILE B 297 -12.60 23.33 -50.33
C ILE B 297 -12.71 21.93 -49.73
N ASP B 298 -12.16 20.94 -50.41
CA ASP B 298 -12.20 19.57 -49.89
C ASP B 298 -11.42 19.44 -48.59
N GLU B 299 -10.26 20.08 -48.53
CA GLU B 299 -9.47 20.07 -47.29
C GLU B 299 -10.25 20.71 -46.15
N VAL B 300 -10.93 21.83 -46.41
CA VAL B 300 -11.71 22.49 -45.37
C VAL B 300 -12.86 21.60 -44.92
N LYS B 301 -13.50 20.90 -45.85
CA LYS B 301 -14.59 20.00 -45.48
C LYS B 301 -14.10 18.91 -44.52
N ASP B 302 -12.98 18.27 -44.86
CA ASP B 302 -12.43 17.22 -44.01
C ASP B 302 -12.05 17.76 -42.63
N LEU B 303 -11.32 18.89 -42.61
CA LEU B 303 -10.90 19.47 -41.35
C LEU B 303 -12.10 19.93 -40.52
N GLN B 304 -13.18 20.37 -41.16
CA GLN B 304 -14.35 20.81 -40.42
C GLN B 304 -15.09 19.64 -39.78
N SER B 305 -15.14 18.50 -40.48
CA SER B 305 -15.69 17.30 -39.86
C SER B 305 -14.88 16.90 -38.63
N GLN B 306 -13.55 16.92 -38.77
CA GLN B 306 -12.68 16.62 -37.63
C GLN B 306 -12.92 17.60 -36.48
N VAL B 307 -13.06 18.88 -36.80
CA VAL B 307 -13.29 19.90 -35.77
C VAL B 307 -14.62 19.67 -35.07
N LYS B 308 -15.66 19.29 -35.81
CA LYS B 308 -16.95 19.02 -35.20
C LYS B 308 -16.85 17.87 -34.21
N ASP B 309 -16.17 16.79 -34.61
CA ASP B 309 -15.99 15.65 -33.70
C ASP B 309 -15.25 16.07 -32.44
N LYS B 310 -14.11 16.76 -32.60
CA LYS B 310 -13.31 17.14 -31.44
C LYS B 310 -14.03 18.15 -30.56
N SER B 311 -14.85 19.02 -31.15
CA SER B 311 -15.61 19.99 -30.36
C SER B 311 -16.66 19.30 -29.51
N ALA B 312 -17.38 18.34 -30.09
CA ALA B 312 -18.32 17.55 -29.30
C ALA B 312 -17.60 16.87 -28.14
N LEU B 313 -16.44 16.26 -28.40
CA LEU B 313 -15.71 15.59 -27.33
C LEU B 313 -15.29 16.56 -26.23
N GLN B 314 -14.79 17.75 -26.61
CA GLN B 314 -14.32 18.71 -25.62
C GLN B 314 -15.47 19.24 -24.79
N THR B 315 -16.62 19.50 -25.41
CA THR B 315 -17.79 19.95 -24.66
C THR B 315 -18.25 18.89 -23.67
N SER B 316 -18.25 17.63 -24.09
CA SER B 316 -18.59 16.55 -23.15
C SER B 316 -17.64 16.54 -21.97
N VAL B 317 -16.33 16.67 -22.23
CA VAL B 317 -15.34 16.65 -21.14
C VAL B 317 -15.56 17.81 -20.18
N GLN B 318 -15.87 19.00 -20.72
CA GLN B 318 -16.10 20.16 -19.86
C GLN B 318 -17.33 19.98 -18.98
N ASN B 319 -18.41 19.45 -19.55
CA ASN B 319 -19.60 19.18 -18.75
C ASN B 319 -19.32 18.13 -17.68
N LEU B 320 -18.51 17.12 -18.02
CA LEU B 320 -18.14 16.11 -17.04
C LEU B 320 -17.34 16.70 -15.89
N SER B 321 -16.45 17.65 -16.20
CA SER B 321 -15.69 18.33 -15.16
C SER B 321 -16.61 19.09 -14.22
N LEU B 322 -17.61 19.78 -14.77
CA LEU B 322 -18.59 20.48 -13.92
C LEU B 322 -19.34 19.49 -13.01
N SER B 323 -19.79 18.38 -13.59
CA SER B 323 -20.52 17.39 -12.81
C SER B 323 -19.65 16.80 -11.70
N PHE B 324 -18.37 16.56 -12.00
CA PHE B 324 -17.46 16.03 -10.99
C PHE B 324 -17.18 17.04 -9.90
N ALA B 325 -17.14 18.34 -10.23
CA ALA B 325 -17.04 19.36 -9.19
C ALA B 325 -18.22 19.30 -8.23
N GLY B 326 -19.43 19.14 -8.79
CA GLY B 326 -20.60 19.01 -7.92
C GLY B 326 -20.54 17.78 -7.04
N ILE B 327 -20.13 16.65 -7.62
CA ILE B 327 -19.95 15.41 -6.86
C ILE B 327 -18.95 15.61 -5.72
N HIS B 328 -17.85 16.30 -6.01
CA HIS B 328 -16.81 16.53 -5.00
C HIS B 328 -17.33 17.39 -3.86
N THR B 329 -18.13 18.42 -4.17
CA THR B 329 -18.72 19.25 -3.12
C THR B 329 -19.61 18.42 -2.20
N SER B 330 -20.48 17.59 -2.80
CA SER B 330 -21.34 16.74 -1.98
C SER B 330 -20.51 15.79 -1.10
N MET B 331 -19.44 15.23 -1.67
CA MET B 331 -18.60 14.32 -0.90
C MET B 331 -17.90 15.03 0.26
N VAL B 332 -17.45 16.27 0.04
CA VAL B 332 -16.81 17.03 1.12
C VAL B 332 -17.78 17.23 2.28
N ASP B 333 -19.02 17.61 1.96
CA ASP B 333 -20.00 17.82 3.02
C ASP B 333 -20.28 16.52 3.77
N ALA B 334 -20.41 15.42 3.03
CA ALA B 334 -20.64 14.13 3.68
C ALA B 334 -19.46 13.72 4.54
N GLU B 335 -18.23 14.04 4.11
CA GLU B 335 -17.05 13.68 4.88
C GLU B 335 -17.04 14.39 6.22
N GLU B 336 -17.35 15.69 6.22
CA GLU B 336 -17.40 16.42 7.50
C GLU B 336 -18.45 15.83 8.43
N ALA B 337 -19.64 15.56 7.88
CA ALA B 337 -20.70 14.98 8.71
C ALA B 337 -20.29 13.62 9.28
N LEU B 338 -19.65 12.78 8.46
CA LEU B 338 -19.23 11.47 8.92
C LEU B 338 -18.15 11.57 9.99
N ASN B 339 -17.26 12.55 9.87
CA ASN B 339 -16.27 12.78 10.93
C ASN B 339 -16.96 13.03 12.25
N HIS B 340 -17.97 13.90 12.24
CA HIS B 340 -18.71 14.19 13.47
C HIS B 340 -19.36 12.92 14.03
N LEU B 341 -20.03 12.16 13.16
CA LEU B 341 -20.74 10.96 13.62
C LEU B 341 -19.79 9.92 14.19
N ASP B 342 -18.66 9.71 13.51
CA ASP B 342 -17.67 8.75 13.98
C ASP B 342 -17.11 9.15 15.34
N PHE B 343 -16.84 10.45 15.53
CA PHE B 343 -16.34 10.90 16.83
C PHE B 343 -17.35 10.63 17.94
N MET B 344 -18.62 10.92 17.68
CA MET B 344 -19.64 10.71 18.71
C MET B 344 -19.75 9.23 19.09
N TRP B 345 -19.77 8.36 18.07
CA TRP B 345 -19.88 6.94 18.36
C TRP B 345 -18.63 6.39 19.04
N ASN B 346 -17.45 6.91 18.69
CA ASN B 346 -16.23 6.49 19.38
C ASN B 346 -16.26 6.89 20.85
N THR B 347 -16.78 8.08 21.14
CA THR B 347 -16.91 8.52 22.54
C THR B 347 -17.82 7.57 23.31
N MET B 348 -18.98 7.23 22.73
CA MET B 348 -19.89 6.31 23.43
C MET B 348 -19.24 4.94 23.62
N LEU B 349 -18.52 4.45 22.61
CA LEU B 349 -17.86 3.16 22.74
C LEU B 349 -16.81 3.17 23.85
N THR B 350 -16.05 4.27 23.95
CA THR B 350 -15.05 4.38 25.01
C THR B 350 -15.69 4.37 26.38
N GLN B 351 -16.81 5.09 26.53
CA GLN B 351 -17.49 5.09 27.82
C GLN B 351 -18.01 3.70 28.19
N ILE B 352 -18.57 2.98 27.21
CA ILE B 352 -19.07 1.64 27.50
C ILE B 352 -17.93 0.68 27.84
N THR B 353 -16.79 0.80 27.15
CA THR B 353 -15.64 -0.03 27.48
C THR B 353 -15.13 0.26 28.88
N THR B 354 -15.13 1.55 29.27
CA THR B 354 -14.76 1.91 30.63
C THR B 354 -15.70 1.26 31.64
N SER B 355 -17.01 1.28 31.35
CA SER B 355 -17.96 0.63 32.24
C SER B 355 -17.68 -0.86 32.38
N ARG B 356 -17.41 -1.54 31.27
CA ARG B 356 -17.13 -2.97 31.31
C ARG B 356 -15.85 -3.26 32.11
N ASP B 357 -14.81 -2.47 31.88
CA ASP B 357 -13.56 -2.69 32.59
C ASP B 357 -13.74 -2.45 34.09
N LYS B 358 -14.53 -1.44 34.46
CA LYS B 358 -14.77 -1.20 35.88
C LYS B 358 -15.59 -2.32 36.50
N PHE B 359 -16.54 -2.88 35.74
CA PHE B 359 -17.31 -4.01 36.25
C PHE B 359 -16.41 -5.22 36.49
N ASP B 360 -15.33 -5.34 35.70
CA ASP B 360 -14.39 -6.43 35.93
C ASP B 360 -13.75 -6.41 37.32
N ASP B 361 -13.93 -5.35 38.11
CA ASP B 361 -13.34 -5.25 39.44
C ASP B 361 -14.31 -5.63 40.56
N ILE B 362 -15.42 -6.31 40.25
CA ILE B 362 -16.45 -6.64 41.22
C ILE B 362 -16.35 -8.11 41.57
N ASN B 363 -16.32 -8.42 42.87
CA ASN B 363 -16.33 -9.80 43.34
C ASN B 363 -17.04 -9.85 44.68
N ASP B 364 -17.43 -11.07 45.08
CA ASP B 364 -18.22 -11.25 46.29
C ASP B 364 -17.43 -10.94 47.56
N ALA B 365 -16.10 -11.02 47.52
CA ALA B 365 -15.31 -10.83 48.73
C ALA B 365 -15.26 -9.37 49.18
N LEU B 366 -15.60 -8.42 48.33
CA LEU B 366 -15.52 -7.02 48.71
C LEU B 366 -16.51 -6.68 49.81
N LYS B 367 -16.09 -5.78 50.70
CA LYS B 367 -17.02 -5.20 51.67
C LYS B 367 -18.00 -4.29 50.96
N LEU B 368 -19.11 -3.98 51.63
CA LEU B 368 -20.18 -3.23 50.99
C LEU B 368 -19.76 -1.80 50.62
N THR B 369 -18.88 -1.17 51.41
CA THR B 369 -18.42 0.17 51.06
C THR B 369 -17.59 0.15 49.78
N SER B 370 -16.61 -0.76 49.71
CA SER B 370 -15.81 -0.91 48.50
C SER B 370 -16.68 -1.28 47.32
N PHE B 371 -17.71 -2.11 47.55
CA PHE B 371 -18.61 -2.49 46.47
C PHE B 371 -19.40 -1.29 45.96
N VAL B 372 -19.87 -0.42 46.87
CA VAL B 372 -20.60 0.76 46.44
C VAL B 372 -19.69 1.67 45.61
N ILE B 373 -18.45 1.85 46.06
CA ILE B 373 -17.52 2.70 45.32
C ILE B 373 -17.27 2.15 43.91
N ALA B 374 -16.96 0.85 43.83
CA ALA B 374 -16.69 0.22 42.55
C ALA B 374 -17.92 0.25 41.65
N PHE B 375 -19.11 0.02 42.21
CA PHE B 375 -20.33 -0.02 41.40
C PHE B 375 -20.71 1.36 40.90
N LYS B 376 -20.44 2.41 41.69
CA LYS B 376 -20.59 3.77 41.19
C LYS B 376 -19.68 3.98 39.99
N GLN B 377 -18.43 3.56 40.10
CA GLN B 377 -17.52 3.68 38.96
C GLN B 377 -18.03 2.90 37.75
N VAL B 378 -18.68 1.76 38.00
CA VAL B 378 -19.20 0.93 36.91
C VAL B 378 -20.34 1.63 36.19
N ILE B 379 -21.31 2.14 36.94
CA ILE B 379 -22.54 2.65 36.33
C ILE B 379 -22.48 4.12 35.96
N GLU B 380 -21.42 4.85 36.33
CA GLU B 380 -21.34 6.28 35.98
C GLU B 380 -21.37 6.56 34.48
N PRO B 381 -20.58 5.90 33.62
CA PRO B 381 -20.56 6.30 32.20
C PRO B 381 -21.89 6.12 31.48
N TRP B 382 -22.78 5.26 31.99
CA TRP B 382 -24.04 5.02 31.30
C TRP B 382 -24.95 6.24 31.31
N ARG B 383 -24.79 7.15 32.27
CA ARG B 383 -25.55 8.39 32.23
C ARG B 383 -25.24 9.20 30.98
N ASP B 384 -23.95 9.45 30.73
CA ASP B 384 -23.55 10.16 29.51
C ASP B 384 -23.89 9.35 28.27
N VAL B 385 -23.78 8.02 28.34
CA VAL B 385 -24.10 7.20 27.18
C VAL B 385 -25.56 7.36 26.79
N GLN B 386 -26.46 7.29 27.77
CA GLN B 386 -27.88 7.42 27.46
C GLN B 386 -28.23 8.85 27.05
N GLY B 387 -27.54 9.86 27.61
CA GLY B 387 -27.76 11.22 27.14
C GLY B 387 -27.39 11.38 25.68
N SER B 388 -26.23 10.86 25.28
CA SER B 388 -25.81 10.93 23.89
C SER B 388 -26.74 10.14 22.98
N ALA B 389 -27.23 8.99 23.47
CA ALA B 389 -28.16 8.20 22.67
C ALA B 389 -29.47 8.95 22.44
N ALA B 390 -30.00 9.59 23.49
CA ALA B 390 -31.22 10.37 23.34
C ALA B 390 -31.01 11.56 22.42
N GLN B 391 -29.84 12.21 22.50
CA GLN B 391 -29.54 13.31 21.60
C GLN B 391 -29.51 12.83 20.15
N LEU B 392 -28.88 11.68 19.91
CA LEU B 392 -28.84 11.12 18.56
C LEU B 392 -30.23 10.78 18.07
N ILE B 393 -31.06 10.19 18.92
CA ILE B 393 -32.43 9.83 18.53
C ILE B 393 -33.21 11.07 18.14
N GLN B 394 -33.13 12.11 18.96
CA GLN B 394 -33.89 13.33 18.67
C GLN B 394 -33.41 13.99 17.38
N THR B 395 -32.09 14.08 17.19
CA THR B 395 -31.57 14.69 15.98
C THR B 395 -31.94 13.88 14.74
N PHE B 396 -31.90 12.54 14.85
CA PHE B 396 -32.27 11.70 13.71
C PHE B 396 -33.75 11.87 13.37
N ASP B 397 -34.62 11.88 14.37
CA ASP B 397 -36.04 12.09 14.12
C ASP B 397 -36.27 13.42 13.42
N GLU B 398 -35.67 14.49 13.95
CA GLU B 398 -35.88 15.81 13.35
C GLU B 398 -35.34 15.86 11.93
N ALA B 399 -34.15 15.29 11.70
CA ALA B 399 -33.55 15.36 10.37
C ALA B 399 -34.34 14.53 9.37
N LEU B 400 -34.83 13.36 9.77
CA LEU B 400 -35.63 12.56 8.85
C LEU B 400 -36.97 13.22 8.55
N ALA B 401 -37.59 13.84 9.55
CA ALA B 401 -38.83 14.57 9.29
C ALA B 401 -38.60 15.72 8.32
N GLU B 402 -37.49 16.45 8.49
CA GLU B 402 -37.19 17.56 7.59
C GLU B 402 -36.82 17.07 6.19
N TYR B 403 -36.15 15.92 6.08
CA TYR B 403 -35.77 15.38 4.78
C TYR B 403 -36.97 14.82 4.03
N LYS B 404 -37.97 14.32 4.76
CA LYS B 404 -39.18 13.81 4.10
C LYS B 404 -39.86 14.90 3.27
N LYS B 405 -39.68 16.16 3.63
CA LYS B 405 -40.21 17.24 2.81
C LYS B 405 -39.42 17.41 1.51
N LEU B 406 -38.21 16.86 1.44
CA LEU B 406 -37.36 16.92 0.25
C LEU B 406 -37.14 18.35 -0.22
#